data_3QWH
#
_entry.id   3QWH
#
_cell.length_a   62.950
_cell.length_b   116.640
_cell.length_c   70.240
_cell.angle_alpha   90.00
_cell.angle_beta   102.54
_cell.angle_gamma   90.00
#
_symmetry.space_group_name_H-M   'P 1 21 1'
#
loop_
_entity.id
_entity.type
_entity.pdbx_description
1 polymer '17beta-hydroxysteroid dehydrogenase'
2 non-polymer 'NADP NICOTINAMIDE-ADENINE-DINUCLEOTIDE PHOSPHATE'
3 non-polymer 3,5,7-TRIHYDROXY-2-(4-HYDROXYPHENYL)-4H-CHROMEN-4-ONE
4 non-polymer DI(HYDROXYETHYL)ETHER
5 water water
#
_entity_poly.entity_id   1
_entity_poly.type   'polypeptide(L)'
_entity_poly.pdbx_seq_one_letter_code
;MPHVENASETYIPGRLDGKVALVTGSGRGIGAAVAVHLGRLGAKVVVNYANSTKDAEKVVSEIKALGSDAIAIKADIRQV
PEIVKLFDQAVAHFGHLDIAVSNSGVVSFGHLKDVTEEEFDRVFSLNTRGQFFVAREAYRHLTEGGRIVLTSSNTSKDFS
VPKHSLYSGSKGAVDSFVRIFSKDCGDKKITVNAVAPGGTVTDMFHEVSHHYIPNGTSYTAEQRQQMAAHASPLHRNGWP
QDVANVVGFLVSKEGEWVNGKVLTLDGGAA
;
_entity_poly.pdbx_strand_id   A,B,C,D
#
# COMPACT_ATOMS: atom_id res chain seq x y z
N TYR A 11 -16.67 35.16 4.06
CA TYR A 11 -15.98 33.92 3.60
C TYR A 11 -16.91 32.72 3.68
N ILE A 12 -17.08 32.01 2.56
CA ILE A 12 -17.92 30.81 2.56
C ILE A 12 -17.04 29.54 2.39
N PRO A 13 -17.34 28.46 3.15
CA PRO A 13 -16.37 27.35 3.22
C PRO A 13 -16.41 26.36 2.05
N GLY A 14 -15.22 25.96 1.60
CA GLY A 14 -15.06 25.19 0.38
C GLY A 14 -14.98 26.08 -0.85
N ARG A 15 -15.05 27.39 -0.64
CA ARG A 15 -15.02 28.36 -1.73
C ARG A 15 -13.62 28.94 -1.98
N LEU A 16 -13.45 29.63 -3.11
CA LEU A 16 -12.12 30.02 -3.57
C LEU A 16 -12.14 31.45 -4.11
N ASP A 17 -13.05 32.26 -3.56
CA ASP A 17 -13.13 33.68 -3.90
C ASP A 17 -11.79 34.39 -3.66
N GLY A 18 -11.32 35.10 -4.69
CA GLY A 18 -10.04 35.82 -4.64
C GLY A 18 -8.79 34.96 -4.88
N LYS A 19 -8.98 33.65 -5.04
CA LYS A 19 -7.85 32.76 -5.40
C LYS A 19 -7.75 32.65 -6.92
N VAL A 20 -6.57 32.22 -7.38
CA VAL A 20 -6.29 32.08 -8.80
C VAL A 20 -5.77 30.65 -9.06
N ALA A 21 -6.31 29.99 -10.07
CA ALA A 21 -5.98 28.61 -10.33
C ALA A 21 -5.50 28.37 -11.76
N LEU A 22 -4.72 27.31 -11.94
CA LEU A 22 -4.30 26.85 -13.28
C LEU A 22 -4.60 25.36 -13.42
N VAL A 23 -4.95 24.94 -14.62
CA VAL A 23 -5.25 23.54 -14.89
C VAL A 23 -4.72 23.21 -16.27
N THR A 24 -3.75 22.30 -16.33
CA THR A 24 -3.19 21.86 -17.60
C THR A 24 -4.21 21.00 -18.33
N GLY A 25 -4.28 21.19 -19.65
CA GLY A 25 -5.19 20.44 -20.51
C GLY A 25 -6.61 20.49 -19.98
N SER A 26 -7.12 21.70 -19.77
CA SER A 26 -8.48 21.88 -19.27
C SER A 26 -9.44 22.30 -20.35
N GLY A 27 -9.01 22.24 -21.60
CA GLY A 27 -9.91 22.43 -22.72
C GLY A 27 -11.01 21.39 -22.79
N ARG A 28 -10.69 20.14 -22.43
CA ARG A 28 -11.68 19.09 -22.50
C ARG A 28 -11.52 18.06 -21.38
N GLY A 29 -12.47 17.12 -21.30
CA GLY A 29 -12.42 16.00 -20.36
C GLY A 29 -12.42 16.38 -18.88
N ILE A 30 -11.65 15.65 -18.09
CA ILE A 30 -11.58 15.86 -16.65
C ILE A 30 -11.07 17.25 -16.31
N GLY A 31 -10.01 17.67 -17.00
CA GLY A 31 -9.48 19.03 -16.84
C GLY A 31 -10.55 20.11 -16.98
N ALA A 32 -11.41 19.97 -17.98
CA ALA A 32 -12.47 20.93 -18.26
C ALA A 32 -13.43 21.08 -17.08
N ALA A 33 -13.85 19.95 -16.51
CA ALA A 33 -14.74 19.95 -15.37
C ALA A 33 -14.07 20.49 -14.11
N VAL A 34 -12.78 20.20 -13.94
CA VAL A 34 -12.00 20.80 -12.84
C VAL A 34 -11.97 22.33 -12.98
N ALA A 35 -11.60 22.81 -14.16
CA ALA A 35 -11.50 24.25 -14.45
C ALA A 35 -12.81 24.99 -14.19
N VAL A 36 -13.92 24.41 -14.64
CA VAL A 36 -15.21 25.06 -14.50
C VAL A 36 -15.63 25.03 -13.03
N HIS A 37 -15.31 23.94 -12.33
CA HIS A 37 -15.66 23.81 -10.92
C HIS A 37 -14.87 24.75 -10.04
N LEU A 38 -13.57 24.89 -10.32
CA LEU A 38 -12.78 25.90 -9.60
C LEU A 38 -13.35 27.31 -9.87
N GLY A 39 -13.86 27.53 -11.08
CA GLY A 39 -14.52 28.79 -11.39
C GLY A 39 -15.80 29.00 -10.60
N ARG A 40 -16.62 27.94 -10.50
CA ARG A 40 -17.88 27.94 -9.75
C ARG A 40 -17.66 28.27 -8.27
N LEU A 41 -16.53 27.82 -7.74
CA LEU A 41 -16.17 28.05 -6.35
C LEU A 41 -15.60 29.47 -6.11
N GLY A 42 -15.37 30.22 -7.19
CA GLY A 42 -14.95 31.61 -7.06
C GLY A 42 -13.56 31.96 -7.57
N ALA A 43 -12.74 30.94 -7.80
CA ALA A 43 -11.39 31.13 -8.33
C ALA A 43 -11.42 31.71 -9.74
N LYS A 44 -10.42 32.52 -10.06
CA LYS A 44 -10.15 32.91 -11.46
C LYS A 44 -9.28 31.80 -12.05
N VAL A 45 -9.47 31.49 -13.34
CA VAL A 45 -8.80 30.31 -13.92
C VAL A 45 -7.96 30.61 -15.17
N VAL A 46 -6.74 30.08 -15.19
CA VAL A 46 -5.94 29.98 -16.41
C VAL A 46 -6.20 28.59 -16.99
N VAL A 47 -6.75 28.56 -18.19
CA VAL A 47 -7.13 27.33 -18.87
C VAL A 47 -6.05 27.01 -19.88
N ASN A 48 -5.37 25.89 -19.67
CA ASN A 48 -4.34 25.45 -20.60
C ASN A 48 -4.85 24.38 -21.57
N TYR A 49 -4.36 24.46 -22.80
CA TYR A 49 -4.61 23.47 -23.85
C TYR A 49 -3.37 23.34 -24.73
N ALA A 50 -3.29 22.25 -25.49
CA ALA A 50 -2.23 22.11 -26.48
C ALA A 50 -2.76 22.28 -27.90
N ASN A 51 -3.92 21.67 -28.17
CA ASN A 51 -4.50 21.65 -29.51
C ASN A 51 -5.92 22.22 -29.54
N SER A 52 -6.74 21.77 -28.57
CA SER A 52 -8.17 22.11 -28.46
C SER A 52 -8.56 23.60 -28.24
N THR A 53 -8.23 24.48 -29.18
CA THR A 53 -8.46 25.92 -29.00
C THR A 53 -9.93 26.27 -28.73
N LYS A 54 -10.81 25.82 -29.63
CA LYS A 54 -12.24 26.18 -29.60
C LYS A 54 -12.85 25.72 -28.30
N ASP A 55 -12.49 24.51 -27.89
CA ASP A 55 -13.01 23.89 -26.65
C ASP A 55 -12.53 24.62 -25.40
N ALA A 56 -11.30 25.12 -25.45
CA ALA A 56 -10.72 25.88 -24.35
C ALA A 56 -11.42 27.23 -24.20
N GLU A 57 -11.61 27.92 -25.32
CA GLU A 57 -12.37 29.19 -25.33
C GLU A 57 -13.79 29.02 -24.76
N LYS A 58 -14.41 27.86 -24.98
CA LYS A 58 -15.73 27.56 -24.39
C LYS A 58 -15.69 27.40 -22.88
N VAL A 59 -14.69 26.67 -22.38
CA VAL A 59 -14.45 26.53 -20.95
C VAL A 59 -14.29 27.92 -20.31
N VAL A 60 -13.49 28.78 -20.92
CA VAL A 60 -13.34 30.18 -20.50
C VAL A 60 -14.72 30.85 -20.37
N SER A 61 -15.53 30.82 -21.43
CA SER A 61 -16.90 31.36 -21.42
C SER A 61 -17.73 30.78 -20.28
N GLU A 62 -17.67 29.46 -20.08
CA GLU A 62 -18.36 28.81 -18.98
C GLU A 62 -18.04 29.48 -17.65
N ILE A 63 -16.75 29.69 -17.40
CA ILE A 63 -16.26 30.28 -16.16
C ILE A 63 -16.63 31.77 -16.03
N LYS A 64 -16.68 32.49 -17.14
CA LYS A 64 -17.11 33.89 -17.09
C LYS A 64 -18.62 33.95 -16.84
N ALA A 65 -19.33 33.00 -17.45
CA ALA A 65 -20.77 32.82 -17.32
C ALA A 65 -21.21 32.63 -15.88
N LEU A 66 -20.45 31.87 -15.09
CA LEU A 66 -20.79 31.78 -13.67
C LEU A 66 -20.26 32.92 -12.81
N GLY A 67 -19.77 33.99 -13.45
CA GLY A 67 -19.43 35.19 -12.72
C GLY A 67 -18.00 35.35 -12.27
N SER A 68 -17.10 34.54 -12.82
CA SER A 68 -15.67 34.66 -12.54
C SER A 68 -14.89 35.17 -13.77
N ASP A 69 -13.56 35.08 -13.74
CA ASP A 69 -12.72 35.43 -14.89
C ASP A 69 -11.80 34.28 -15.24
N ALA A 70 -11.45 34.17 -16.52
CA ALA A 70 -10.61 33.09 -17.01
C ALA A 70 -9.91 33.56 -18.29
N ILE A 71 -8.83 32.85 -18.66
CA ILE A 71 -8.09 33.10 -19.92
C ILE A 71 -7.57 31.77 -20.47
N ALA A 72 -7.55 31.62 -21.79
CA ALA A 72 -7.01 30.41 -22.40
C ALA A 72 -5.55 30.60 -22.79
N ILE A 73 -4.66 29.69 -22.40
CA ILE A 73 -3.28 29.75 -22.88
C ILE A 73 -2.82 28.45 -23.53
N LYS A 74 -2.32 28.58 -24.77
CA LYS A 74 -1.73 27.46 -25.48
C LYS A 74 -0.33 27.20 -24.97
N ALA A 75 -0.10 25.99 -24.48
CA ALA A 75 1.25 25.52 -24.12
C ALA A 75 1.33 24.00 -24.18
N ASP A 76 2.40 23.49 -24.78
CA ASP A 76 2.64 22.05 -24.87
C ASP A 76 3.38 21.58 -23.62
N ILE A 77 2.66 20.87 -22.76
CA ILE A 77 3.19 20.47 -21.45
C ILE A 77 4.37 19.47 -21.51
N ARG A 78 4.69 18.97 -22.70
CA ARG A 78 5.88 18.12 -22.87
C ARG A 78 7.16 18.94 -22.81
N GLN A 79 7.06 20.19 -23.24
CA GLN A 79 8.21 21.08 -23.36
C GLN A 79 8.29 21.94 -22.11
N VAL A 80 9.32 21.70 -21.32
CA VAL A 80 9.53 22.50 -20.12
C VAL A 80 9.64 24.00 -20.40
N PRO A 81 10.39 24.42 -21.46
CA PRO A 81 10.44 25.87 -21.65
C PRO A 81 9.06 26.49 -21.93
N GLU A 82 8.09 25.66 -22.30
CA GLU A 82 6.71 26.08 -22.51
C GLU A 82 5.86 26.04 -21.22
N ILE A 83 6.15 25.10 -20.31
CA ILE A 83 5.58 25.16 -18.95
C ILE A 83 6.03 26.45 -18.24
N VAL A 84 7.32 26.73 -18.33
CA VAL A 84 7.89 27.94 -17.76
C VAL A 84 7.13 29.19 -18.23
N LYS A 85 6.87 29.28 -19.54
CA LYS A 85 6.14 30.43 -20.11
C LYS A 85 4.69 30.46 -19.64
N LEU A 86 4.05 29.29 -19.64
CA LEU A 86 2.66 29.20 -19.19
C LEU A 86 2.48 29.87 -17.83
N PHE A 87 3.42 29.56 -16.94
CA PHE A 87 3.37 30.02 -15.58
C PHE A 87 3.70 31.49 -15.43
N ASP A 88 4.66 31.98 -16.21
CA ASP A 88 4.99 33.41 -16.20
C ASP A 88 3.78 34.22 -16.68
N GLN A 89 3.16 33.76 -17.77
CA GLN A 89 2.04 34.45 -18.38
C GLN A 89 0.82 34.48 -17.47
N ALA A 90 0.61 33.38 -16.74
CA ALA A 90 -0.46 33.32 -15.75
C ALA A 90 -0.23 34.40 -14.70
N VAL A 91 0.90 34.33 -14.02
CA VAL A 91 1.27 35.32 -13.01
C VAL A 91 1.14 36.75 -13.57
N ALA A 92 1.65 36.98 -14.77
CA ALA A 92 1.60 38.31 -15.39
C ALA A 92 0.16 38.80 -15.64
N HIS A 93 -0.73 37.87 -15.95
CA HIS A 93 -2.11 38.26 -16.25
C HIS A 93 -2.96 38.56 -15.00
N PHE A 94 -2.94 37.65 -14.01
CA PHE A 94 -3.78 37.73 -12.80
C PHE A 94 -3.10 38.33 -11.55
N GLY A 95 -1.78 38.51 -11.60
CA GLY A 95 -1.03 39.10 -10.49
C GLY A 95 -0.36 38.10 -9.54
N HIS A 96 -0.94 36.89 -9.46
CA HIS A 96 -0.52 35.84 -8.52
C HIS A 96 -1.22 34.53 -8.88
N LEU A 97 -0.67 33.42 -8.39
CA LEU A 97 -1.26 32.10 -8.63
C LEU A 97 -1.24 31.30 -7.34
N ASP A 98 -2.40 30.71 -6.99
CA ASP A 98 -2.56 30.00 -5.71
C ASP A 98 -2.66 28.50 -5.87
N ILE A 99 -3.37 28.06 -6.91
CA ILE A 99 -3.73 26.65 -7.11
C ILE A 99 -3.23 26.18 -8.49
N ALA A 100 -2.51 25.05 -8.52
CA ALA A 100 -2.13 24.47 -9.81
C ALA A 100 -2.54 23.01 -9.90
N VAL A 101 -3.39 22.71 -10.87
CA VAL A 101 -3.77 21.34 -11.13
C VAL A 101 -3.07 20.83 -12.39
N SER A 102 -2.28 19.78 -12.21
CA SER A 102 -1.65 19.10 -13.33
C SER A 102 -2.52 17.91 -13.72
N ASN A 103 -3.19 18.05 -14.86
CA ASN A 103 -4.19 17.10 -15.32
C ASN A 103 -3.88 16.43 -16.67
N SER A 104 -3.21 17.15 -17.56
CA SER A 104 -2.90 16.66 -18.91
C SER A 104 -2.28 15.28 -18.85
N GLY A 105 -2.80 14.36 -19.66
CA GLY A 105 -2.24 13.03 -19.73
C GLY A 105 -2.59 12.36 -21.02
N VAL A 106 -1.89 11.27 -21.33
CA VAL A 106 -2.29 10.37 -22.43
C VAL A 106 -2.21 8.90 -21.99
N VAL A 107 -2.96 8.05 -22.70
CA VAL A 107 -3.14 6.67 -22.29
C VAL A 107 -2.48 5.75 -23.32
N SER A 108 -2.17 4.52 -22.91
CA SER A 108 -1.36 3.62 -23.72
C SER A 108 -1.59 2.16 -23.37
N PHE A 109 -1.62 1.33 -24.40
CA PHE A 109 -1.78 -0.10 -24.25
C PHE A 109 -0.88 -0.84 -25.19
N GLY A 110 -0.31 -1.93 -24.69
CA GLY A 110 0.66 -2.72 -25.44
C GLY A 110 1.28 -3.71 -24.49
N HIS A 111 1.45 -4.92 -24.99
CA HIS A 111 2.23 -5.95 -24.34
C HIS A 111 3.68 -5.46 -24.27
N LEU A 112 4.33 -5.70 -23.13
CA LEU A 112 5.75 -5.43 -22.95
C LEU A 112 6.61 -5.70 -24.20
N LYS A 113 6.40 -6.85 -24.86
CA LYS A 113 7.27 -7.30 -25.95
C LYS A 113 7.28 -6.34 -27.13
N ASP A 114 6.19 -5.58 -27.27
CA ASP A 114 5.95 -4.72 -28.41
C ASP A 114 6.14 -3.23 -28.17
N VAL A 115 6.29 -2.82 -26.90
CA VAL A 115 6.40 -1.42 -26.54
C VAL A 115 7.70 -0.80 -27.08
N THR A 116 7.56 0.29 -27.81
CA THR A 116 8.69 0.92 -28.46
C THR A 116 9.30 2.04 -27.62
N GLU A 117 10.54 2.39 -27.99
CA GLU A 117 11.24 3.58 -27.47
C GLU A 117 10.39 4.83 -27.65
N GLU A 118 9.84 4.98 -28.85
CA GLU A 118 8.99 6.13 -29.16
C GLU A 118 7.73 6.13 -28.28
N GLU A 119 7.09 4.98 -28.15
CA GLU A 119 5.89 4.89 -27.30
C GLU A 119 6.17 5.25 -25.83
N PHE A 120 7.25 4.69 -25.28
CA PHE A 120 7.68 5.02 -23.92
C PHE A 120 7.80 6.53 -23.76
N ASP A 121 8.67 7.14 -24.55
CA ASP A 121 8.89 8.60 -24.52
C ASP A 121 7.59 9.41 -24.69
N ARG A 122 6.77 9.06 -25.68
CA ARG A 122 5.46 9.71 -25.85
C ARG A 122 4.69 9.84 -24.51
N VAL A 123 4.66 8.76 -23.72
CA VAL A 123 3.81 8.71 -22.54
C VAL A 123 4.47 9.40 -21.37
N PHE A 124 5.74 9.07 -21.14
CA PHE A 124 6.48 9.60 -20.01
C PHE A 124 6.78 11.08 -20.13
N SER A 125 7.02 11.57 -21.35
CA SER A 125 7.33 12.99 -21.51
C SER A 125 6.17 13.86 -20.99
N LEU A 126 4.95 13.35 -21.14
CA LEU A 126 3.77 14.07 -20.67
C LEU A 126 3.32 13.67 -19.28
N ASN A 127 2.96 12.39 -19.11
CA ASN A 127 2.41 11.87 -17.85
C ASN A 127 3.34 12.00 -16.62
N THR A 128 4.65 12.02 -16.85
CA THR A 128 5.62 11.93 -15.75
C THR A 128 6.54 13.13 -15.72
N ARG A 129 7.52 13.16 -16.63
CA ARG A 129 8.39 14.33 -16.81
C ARG A 129 7.57 15.64 -16.83
N GLY A 130 6.59 15.70 -17.73
CA GLY A 130 5.70 16.84 -17.85
C GLY A 130 5.13 17.28 -16.50
N GLN A 131 4.38 16.39 -15.85
CA GLN A 131 3.77 16.67 -14.55
C GLN A 131 4.83 17.09 -13.54
N PHE A 132 5.98 16.43 -13.56
CA PHE A 132 7.04 16.74 -12.61
C PHE A 132 7.42 18.22 -12.67
N PHE A 133 7.58 18.74 -13.90
CA PHE A 133 8.02 20.11 -14.10
C PHE A 133 6.90 21.14 -14.00
N VAL A 134 5.66 20.67 -14.20
CA VAL A 134 4.50 21.48 -13.86
C VAL A 134 4.48 21.75 -12.36
N ALA A 135 4.89 20.75 -11.57
CA ALA A 135 4.94 20.93 -10.12
C ALA A 135 6.07 21.89 -9.73
N ARG A 136 7.24 21.71 -10.35
CA ARG A 136 8.38 22.61 -10.16
C ARG A 136 7.99 24.05 -10.40
N GLU A 137 7.44 24.32 -11.57
CA GLU A 137 7.07 25.69 -11.93
C GLU A 137 5.96 26.19 -11.03
N ALA A 138 5.14 25.26 -10.53
CA ALA A 138 4.07 25.61 -9.62
C ALA A 138 4.64 26.02 -8.26
N TYR A 139 5.63 25.28 -7.77
CA TYR A 139 6.29 25.66 -6.53
C TYR A 139 6.87 27.07 -6.67
N ARG A 140 7.59 27.31 -7.78
CA ARG A 140 8.27 28.58 -8.05
C ARG A 140 7.35 29.78 -8.09
N HIS A 141 6.16 29.59 -8.64
CA HIS A 141 5.24 30.69 -8.95
C HIS A 141 4.19 30.93 -7.87
N LEU A 142 3.84 29.89 -7.13
CA LEU A 142 2.72 29.93 -6.19
C LEU A 142 2.97 30.83 -4.99
N THR A 143 1.90 31.40 -4.46
CA THR A 143 1.96 32.21 -3.24
C THR A 143 1.87 31.29 -2.03
N GLU A 144 2.31 31.79 -0.88
CA GLU A 144 2.32 31.05 0.39
C GLU A 144 1.01 30.34 0.64
N GLY A 145 1.08 29.07 1.03
CA GLY A 145 -0.12 28.34 1.39
C GLY A 145 -0.96 27.94 0.19
N GLY A 146 -0.32 27.88 -0.98
CA GLY A 146 -0.98 27.48 -2.22
C GLY A 146 -1.27 25.99 -2.27
N ARG A 147 -1.78 25.52 -3.40
CA ARG A 147 -2.19 24.14 -3.55
C ARG A 147 -1.71 23.63 -4.90
N ILE A 148 -1.14 22.43 -4.90
CA ILE A 148 -0.75 21.74 -6.12
C ILE A 148 -1.41 20.35 -6.11
N VAL A 149 -2.05 19.97 -7.20
CA VAL A 149 -2.64 18.65 -7.34
C VAL A 149 -2.22 18.05 -8.68
N LEU A 150 -1.59 16.88 -8.64
CA LEU A 150 -1.25 16.16 -9.86
C LEU A 150 -2.30 15.07 -10.14
N THR A 151 -2.22 14.46 -11.32
CA THR A 151 -3.19 13.44 -11.73
C THR A 151 -2.54 12.08 -11.96
N SER A 152 -3.08 11.08 -11.27
CA SER A 152 -2.59 9.71 -11.31
C SER A 152 -3.69 8.82 -11.86
N SER A 153 -3.62 7.52 -11.58
CA SER A 153 -4.59 6.55 -12.08
C SER A 153 -4.88 5.46 -11.03
N ASN A 154 -6.08 4.90 -11.04
CA ASN A 154 -6.35 3.70 -10.25
C ASN A 154 -5.56 2.48 -10.74
N THR A 155 -4.95 2.62 -11.92
CA THR A 155 -4.12 1.55 -12.49
C THR A 155 -2.65 1.63 -12.04
N SER A 156 -2.32 2.70 -11.32
CA SER A 156 -1.02 2.89 -10.66
C SER A 156 -0.71 1.82 -9.60
N LYS A 157 -1.65 1.62 -8.67
CA LYS A 157 -1.49 0.65 -7.59
C LYS A 157 -2.70 -0.26 -7.45
N ASP A 158 -3.90 0.31 -7.61
CA ASP A 158 -5.15 -0.29 -7.13
C ASP A 158 -5.82 -1.24 -8.11
N PHE A 159 -5.49 -1.09 -9.40
CA PHE A 159 -6.13 -1.84 -10.48
C PHE A 159 -5.06 -2.36 -11.47
N SER A 160 -5.09 -3.66 -11.76
CA SER A 160 -4.08 -4.32 -12.59
C SER A 160 -4.64 -4.81 -13.92
N VAL A 161 -4.29 -4.12 -15.00
CA VAL A 161 -4.83 -4.45 -16.31
C VAL A 161 -3.69 -5.00 -17.18
N PRO A 162 -3.91 -6.13 -17.89
CA PRO A 162 -2.86 -6.64 -18.76
C PRO A 162 -2.52 -5.64 -19.84
N LYS A 163 -1.27 -5.65 -20.31
CA LYS A 163 -0.80 -4.82 -21.43
C LYS A 163 -0.85 -3.33 -21.13
N HIS A 164 -0.87 -3.01 -19.85
CA HIS A 164 -1.06 -1.65 -19.38
C HIS A 164 0.14 -1.19 -18.53
N SER A 165 1.29 -1.82 -18.76
CA SER A 165 2.49 -1.60 -17.94
C SER A 165 3.07 -0.19 -18.04
N LEU A 166 3.08 0.35 -19.24
CA LEU A 166 3.71 1.62 -19.49
C LEU A 166 2.97 2.77 -18.80
N TYR A 167 1.65 2.80 -18.97
CA TYR A 167 0.82 3.88 -18.43
C TYR A 167 0.75 3.75 -16.91
N SER A 168 0.68 2.51 -16.44
CA SER A 168 0.61 2.20 -15.03
C SER A 168 1.86 2.73 -14.35
N GLY A 169 3.00 2.41 -14.94
CA GLY A 169 4.28 2.91 -14.49
C GLY A 169 4.36 4.42 -14.50
N SER A 170 3.84 5.05 -15.55
CA SER A 170 3.94 6.51 -15.68
C SER A 170 3.21 7.28 -14.58
N LYS A 171 2.17 6.66 -14.02
CA LYS A 171 1.44 7.24 -12.89
C LYS A 171 1.98 6.85 -11.49
N GLY A 172 2.56 5.65 -11.40
CA GLY A 172 3.26 5.22 -10.18
C GLY A 172 4.34 6.21 -9.80
N ALA A 173 5.10 6.69 -10.80
CA ALA A 173 6.03 7.78 -10.57
C ALA A 173 5.38 9.03 -9.91
N VAL A 174 4.23 9.46 -10.45
CA VAL A 174 3.48 10.60 -9.91
C VAL A 174 3.07 10.37 -8.46
N ASP A 175 2.68 9.13 -8.15
CA ASP A 175 2.33 8.74 -6.78
C ASP A 175 3.47 8.98 -5.79
N SER A 176 4.69 8.64 -6.20
CA SER A 176 5.87 8.84 -5.36
C SER A 176 6.28 10.32 -5.32
N PHE A 177 6.11 11.02 -6.44
CA PHE A 177 6.40 12.44 -6.53
C PHE A 177 5.67 13.27 -5.50
N VAL A 178 4.35 13.13 -5.41
CA VAL A 178 3.55 14.02 -4.57
C VAL A 178 3.81 13.81 -3.08
N ARG A 179 4.17 12.59 -2.71
CA ARG A 179 4.49 12.27 -1.30
C ARG A 179 5.72 13.04 -0.89
N ILE A 180 6.73 13.06 -1.76
CA ILE A 180 7.97 13.79 -1.48
C ILE A 180 7.81 15.27 -1.76
N PHE A 181 7.21 15.63 -2.91
CA PHE A 181 6.91 17.05 -3.20
C PHE A 181 6.34 17.77 -2.00
N SER A 182 5.45 17.09 -1.25
CA SER A 182 4.81 17.69 -0.07
C SER A 182 5.82 18.10 1.00
N LYS A 183 6.91 17.35 1.10
CA LYS A 183 7.98 17.68 2.03
C LYS A 183 8.72 18.96 1.63
N ASP A 184 9.10 19.06 0.36
CA ASP A 184 9.83 20.23 -0.11
C ASP A 184 8.92 21.45 -0.22
N CYS A 185 7.66 21.21 -0.61
CA CYS A 185 6.72 22.30 -0.89
C CYS A 185 6.14 22.90 0.38
N GLY A 186 6.41 22.26 1.51
CA GLY A 186 5.98 22.77 2.80
C GLY A 186 6.68 24.03 3.24
N ASP A 187 7.89 24.29 2.76
CA ASP A 187 8.58 25.53 3.16
C ASP A 187 7.92 26.79 2.62
N LYS A 188 6.89 26.62 1.80
CA LYS A 188 6.02 27.71 1.37
C LYS A 188 4.56 27.47 1.82
N LYS A 189 4.38 26.43 2.62
CA LYS A 189 3.06 26.03 3.14
C LYS A 189 2.11 25.59 2.03
N ILE A 190 2.69 25.11 0.94
CA ILE A 190 1.92 24.56 -0.19
C ILE A 190 1.67 23.06 0.01
N THR A 191 0.42 22.63 -0.15
CA THR A 191 0.12 21.20 -0.14
C THR A 191 0.18 20.58 -1.55
N VAL A 192 0.69 19.35 -1.60
CA VAL A 192 0.71 18.58 -2.83
C VAL A 192 0.04 17.22 -2.61
N ASN A 193 -1.00 16.95 -3.40
CA ASN A 193 -1.60 15.62 -3.48
C ASN A 193 -1.79 15.22 -4.93
N ALA A 194 -2.45 14.08 -5.13
CA ALA A 194 -2.84 13.64 -6.46
C ALA A 194 -4.17 12.93 -6.36
N VAL A 195 -4.99 13.10 -7.41
CA VAL A 195 -6.20 12.34 -7.54
C VAL A 195 -5.88 11.21 -8.50
N ALA A 196 -6.42 10.02 -8.21
CA ALA A 196 -6.25 8.86 -9.08
C ALA A 196 -7.64 8.33 -9.47
N PRO A 197 -8.16 8.77 -10.63
CA PRO A 197 -9.50 8.30 -11.01
C PRO A 197 -9.49 6.87 -11.50
N GLY A 198 -10.63 6.20 -11.31
CA GLY A 198 -10.94 4.95 -12.01
C GLY A 198 -11.48 5.34 -13.36
N GLY A 199 -12.15 4.39 -14.03
CA GLY A 199 -12.77 4.66 -15.33
C GLY A 199 -13.72 5.84 -15.28
N THR A 200 -13.25 6.97 -15.80
CA THR A 200 -14.03 8.21 -15.85
C THR A 200 -14.42 8.44 -17.31
N VAL A 201 -15.65 8.90 -17.53
CA VAL A 201 -16.20 9.02 -18.88
C VAL A 201 -15.73 10.29 -19.62
N THR A 202 -14.64 10.17 -20.35
CA THR A 202 -14.15 11.20 -21.24
C THR A 202 -13.78 10.55 -22.58
N ASP A 203 -13.19 11.31 -23.50
CA ASP A 203 -12.70 10.74 -24.76
C ASP A 203 -11.73 9.57 -24.48
N MET A 204 -10.90 9.72 -23.46
CA MET A 204 -9.93 8.68 -23.07
C MET A 204 -10.61 7.36 -22.69
N PHE A 205 -11.72 7.46 -21.98
CA PHE A 205 -12.48 6.27 -21.60
C PHE A 205 -12.81 5.49 -22.87
N HIS A 206 -13.49 6.12 -23.81
CA HIS A 206 -13.85 5.49 -25.08
C HIS A 206 -12.63 5.04 -25.85
N GLU A 207 -11.50 5.68 -25.63
CA GLU A 207 -10.27 5.31 -26.33
C GLU A 207 -9.76 3.92 -25.94
N VAL A 208 -9.99 3.52 -24.69
CA VAL A 208 -9.39 2.29 -24.17
C VAL A 208 -10.32 1.28 -23.45
N SER A 209 -11.62 1.57 -23.39
CA SER A 209 -12.53 0.78 -22.55
C SER A 209 -12.59 -0.70 -22.92
N HIS A 210 -12.22 -1.04 -24.16
CA HIS A 210 -12.18 -2.42 -24.64
C HIS A 210 -10.99 -3.22 -24.07
N HIS A 211 -9.95 -2.52 -23.63
CA HIS A 211 -8.77 -3.16 -23.06
C HIS A 211 -9.00 -3.62 -21.61
N TYR A 212 -10.01 -3.06 -20.96
CA TYR A 212 -10.33 -3.37 -19.56
C TYR A 212 -11.28 -4.55 -19.41
N ILE A 213 -11.68 -5.15 -20.53
CA ILE A 213 -12.75 -6.15 -20.57
C ILE A 213 -12.44 -7.31 -21.54
N PRO A 214 -12.51 -8.57 -21.06
CA PRO A 214 -12.20 -9.75 -21.91
C PRO A 214 -13.07 -9.84 -23.17
N ASN A 215 -12.40 -9.89 -24.32
CA ASN A 215 -13.03 -9.73 -25.65
C ASN A 215 -13.80 -8.42 -25.78
N GLY A 216 -13.15 -7.33 -25.38
CA GLY A 216 -13.74 -6.00 -25.37
C GLY A 216 -14.26 -5.52 -26.71
N THR A 217 -13.61 -5.95 -27.80
CA THR A 217 -14.04 -5.51 -29.15
C THR A 217 -15.31 -6.24 -29.63
N SER A 218 -15.81 -7.16 -28.80
CA SER A 218 -17.08 -7.83 -29.09
C SER A 218 -18.28 -7.12 -28.45
N TYR A 219 -18.01 -6.09 -27.64
CA TYR A 219 -19.06 -5.28 -27.04
C TYR A 219 -19.16 -3.91 -27.72
N THR A 220 -20.36 -3.34 -27.80
CA THR A 220 -20.52 -1.96 -28.27
C THR A 220 -19.90 -1.04 -27.21
N ALA A 221 -19.67 0.22 -27.54
CA ALA A 221 -19.13 1.16 -26.57
C ALA A 221 -20.09 1.38 -25.38
N GLU A 222 -21.39 1.45 -25.68
CA GLU A 222 -22.42 1.67 -24.67
C GLU A 222 -22.57 0.46 -23.72
N GLN A 223 -22.28 -0.73 -24.23
CA GLN A 223 -22.26 -1.93 -23.36
C GLN A 223 -21.05 -1.87 -22.46
N ARG A 224 -19.94 -1.40 -23.00
CA ARG A 224 -18.69 -1.28 -22.26
C ARG A 224 -18.78 -0.26 -21.14
N GLN A 225 -19.50 0.82 -21.38
CA GLN A 225 -19.72 1.85 -20.37
C GLN A 225 -20.67 1.35 -19.29
N GLN A 226 -21.73 0.66 -19.68
CA GLN A 226 -22.65 0.05 -18.72
C GLN A 226 -21.91 -0.96 -17.82
N MET A 227 -21.01 -1.76 -18.41
CA MET A 227 -20.20 -2.72 -17.64
C MET A 227 -19.28 -2.03 -16.64
N ALA A 228 -18.63 -0.96 -17.09
CA ALA A 228 -17.74 -0.19 -16.25
C ALA A 228 -18.45 0.46 -15.06
N ALA A 229 -19.77 0.68 -15.21
CA ALA A 229 -20.59 1.25 -14.14
C ALA A 229 -20.83 0.23 -13.02
N HIS A 230 -20.81 -1.05 -13.38
CA HIS A 230 -20.95 -2.13 -12.40
C HIS A 230 -19.67 -2.40 -11.59
N ALA A 231 -18.56 -1.78 -11.99
CA ALA A 231 -17.31 -1.85 -11.23
C ALA A 231 -17.51 -1.16 -9.88
N SER A 232 -18.13 0.01 -9.89
CA SER A 232 -18.51 0.64 -8.63
C SER A 232 -19.64 -0.14 -7.97
N PRO A 233 -19.62 -0.25 -6.64
CA PRO A 233 -20.79 -0.82 -5.96
C PRO A 233 -21.97 0.15 -5.94
N LEU A 234 -21.74 1.37 -6.41
CA LEU A 234 -22.77 2.39 -6.56
C LEU A 234 -23.51 2.28 -7.91
N HIS A 235 -23.03 1.35 -8.74
CA HIS A 235 -23.60 1.04 -10.05
C HIS A 235 -23.77 2.25 -10.97
N ARG A 236 -22.76 3.12 -11.00
CA ARG A 236 -22.74 4.20 -11.96
C ARG A 236 -21.30 4.44 -12.42
N ASN A 237 -21.13 5.21 -13.49
CA ASN A 237 -19.80 5.56 -13.98
C ASN A 237 -19.23 6.71 -13.20
N GLY A 238 -17.90 6.81 -13.22
CA GLY A 238 -17.22 8.00 -12.76
C GLY A 238 -17.37 9.04 -13.85
N TRP A 239 -17.63 10.28 -13.46
CA TRP A 239 -17.70 11.40 -14.39
C TRP A 239 -16.66 12.45 -14.06
N PRO A 240 -16.27 13.27 -15.05
CA PRO A 240 -15.32 14.34 -14.75
C PRO A 240 -15.68 15.19 -13.51
N GLN A 241 -16.96 15.36 -13.21
CA GLN A 241 -17.37 16.17 -12.04
C GLN A 241 -17.01 15.53 -10.70
N ASP A 242 -16.98 14.20 -10.67
CA ASP A 242 -16.56 13.45 -9.48
C ASP A 242 -15.13 13.82 -9.09
N VAL A 243 -14.25 13.83 -10.10
CA VAL A 243 -12.87 14.22 -9.92
C VAL A 243 -12.84 15.71 -9.55
N ALA A 244 -13.59 16.52 -10.29
CA ALA A 244 -13.67 17.95 -10.04
C ALA A 244 -14.06 18.34 -8.61
N ASN A 245 -15.04 17.64 -8.05
CA ASN A 245 -15.49 17.85 -6.68
C ASN A 245 -14.39 17.64 -5.65
N VAL A 246 -13.66 16.54 -5.79
CA VAL A 246 -12.56 16.22 -4.88
C VAL A 246 -11.40 17.20 -5.03
N VAL A 247 -11.01 17.50 -6.27
CA VAL A 247 -10.01 18.55 -6.51
C VAL A 247 -10.44 19.85 -5.83
N GLY A 248 -11.69 20.26 -6.07
CA GLY A 248 -12.29 21.39 -5.38
C GLY A 248 -12.06 21.39 -3.87
N PHE A 249 -12.24 20.24 -3.23
CA PHE A 249 -12.05 20.14 -1.76
C PHE A 249 -10.58 20.14 -1.34
N LEU A 250 -9.73 19.47 -2.11
CA LEU A 250 -8.31 19.46 -1.84
C LEU A 250 -7.71 20.86 -1.87
N VAL A 251 -8.16 21.66 -2.82
CA VAL A 251 -7.58 22.99 -3.02
C VAL A 251 -8.21 24.11 -2.17
N SER A 252 -9.23 23.76 -1.38
CA SER A 252 -9.87 24.68 -0.45
C SER A 252 -9.06 24.75 0.85
N LYS A 253 -9.32 25.78 1.66
CA LYS A 253 -8.70 25.90 2.98
C LYS A 253 -9.02 24.67 3.83
N GLU A 254 -10.29 24.25 3.80
CA GLU A 254 -10.74 23.05 4.52
C GLU A 254 -9.99 21.75 4.17
N GLY A 255 -9.32 21.74 3.02
CA GLY A 255 -8.58 20.54 2.57
C GLY A 255 -7.13 20.43 3.02
N GLU A 256 -6.63 21.45 3.73
CA GLU A 256 -5.21 21.59 4.04
C GLU A 256 -4.59 20.35 4.67
N TRP A 257 -5.32 19.70 5.58
CA TRP A 257 -4.75 18.53 6.27
C TRP A 257 -4.64 17.24 5.42
N VAL A 258 -5.12 17.29 4.17
CA VAL A 258 -4.80 16.24 3.21
C VAL A 258 -3.59 16.71 2.41
N ASN A 259 -2.43 16.14 2.71
CA ASN A 259 -1.17 16.61 2.16
C ASN A 259 -0.28 15.39 1.87
N GLY A 260 0.30 15.35 0.67
CA GLY A 260 1.17 14.27 0.24
C GLY A 260 0.45 12.94 -0.02
N LYS A 261 -0.81 13.00 -0.42
CA LYS A 261 -1.62 11.77 -0.58
C LYS A 261 -2.11 11.56 -2.00
N VAL A 262 -2.39 10.30 -2.31
CA VAL A 262 -3.00 9.94 -3.58
C VAL A 262 -4.38 9.41 -3.30
N LEU A 263 -5.41 10.15 -3.70
CA LEU A 263 -6.80 9.74 -3.49
C LEU A 263 -7.35 8.98 -4.68
N THR A 264 -7.65 7.71 -4.47
CA THR A 264 -8.26 6.92 -5.55
C THR A 264 -9.77 7.21 -5.61
N LEU A 265 -10.22 7.59 -6.81
CA LEU A 265 -11.62 7.98 -7.06
C LEU A 265 -12.25 7.04 -8.10
N ASP A 266 -12.67 5.87 -7.63
CA ASP A 266 -13.28 4.85 -8.49
C ASP A 266 -14.67 4.54 -8.02
N GLY A 267 -15.15 5.30 -7.06
CA GLY A 267 -16.50 5.10 -6.52
C GLY A 267 -16.62 3.85 -5.67
N GLY A 268 -15.47 3.27 -5.32
CA GLY A 268 -15.41 2.12 -4.43
C GLY A 268 -15.10 0.85 -5.16
N ALA A 269 -14.66 0.96 -6.41
CA ALA A 269 -14.36 -0.21 -7.25
C ALA A 269 -13.24 -1.09 -6.68
N ALA A 270 -12.16 -0.45 -6.21
CA ALA A 270 -11.00 -1.17 -5.66
C ALA A 270 -11.36 -1.97 -4.42
N THR B 10 21.96 -33.06 -10.25
CA THR B 10 21.14 -33.58 -9.10
C THR B 10 20.40 -32.44 -8.37
N TYR B 11 19.11 -32.28 -8.67
CA TYR B 11 18.39 -31.05 -8.28
C TYR B 11 18.33 -30.74 -6.80
N ILE B 12 19.09 -29.71 -6.40
CA ILE B 12 19.04 -29.19 -5.04
C ILE B 12 18.08 -27.98 -4.93
N PRO B 13 17.10 -28.03 -4.01
CA PRO B 13 16.20 -26.90 -3.80
C PRO B 13 16.91 -25.54 -3.62
N GLY B 14 16.56 -24.59 -4.47
CA GLY B 14 17.05 -23.22 -4.38
C GLY B 14 18.32 -23.01 -5.18
N ARG B 15 18.79 -24.06 -5.85
CA ARG B 15 19.98 -24.01 -6.72
C ARG B 15 19.63 -23.71 -8.18
N LEU B 16 20.60 -23.17 -8.91
CA LEU B 16 20.38 -22.74 -10.28
C LEU B 16 21.30 -23.45 -11.29
N ASP B 17 21.71 -24.67 -10.94
CA ASP B 17 22.42 -25.55 -11.87
C ASP B 17 21.75 -25.69 -13.23
N GLY B 18 22.52 -25.45 -14.28
CA GLY B 18 22.01 -25.55 -15.64
C GLY B 18 21.43 -24.25 -16.16
N LYS B 19 21.20 -23.30 -15.25
CA LYS B 19 20.59 -22.01 -15.62
C LYS B 19 21.62 -20.98 -16.02
N VAL B 20 21.18 -20.00 -16.79
CA VAL B 20 22.03 -18.88 -17.21
C VAL B 20 21.39 -17.59 -16.72
N ALA B 21 22.16 -16.77 -16.03
CA ALA B 21 21.68 -15.51 -15.47
C ALA B 21 22.46 -14.34 -16.02
N LEU B 22 21.79 -13.18 -16.10
CA LEU B 22 22.39 -11.92 -16.53
C LEU B 22 21.98 -10.87 -15.53
N VAL B 23 22.97 -10.13 -15.03
CA VAL B 23 22.75 -9.05 -14.08
C VAL B 23 23.36 -7.76 -14.66
N THR B 24 22.55 -6.71 -14.82
CA THR B 24 23.08 -5.40 -15.25
C THR B 24 23.85 -4.69 -14.12
N GLY B 25 24.83 -3.86 -14.48
CA GLY B 25 25.68 -3.16 -13.50
C GLY B 25 26.29 -4.05 -12.42
N SER B 26 26.78 -5.23 -12.81
CA SER B 26 27.22 -6.23 -11.85
C SER B 26 28.73 -6.24 -11.65
N GLY B 27 29.41 -5.23 -12.20
CA GLY B 27 30.82 -5.07 -11.97
C GLY B 27 31.13 -4.72 -10.52
N ARG B 28 30.25 -3.96 -9.90
CA ARG B 28 30.42 -3.56 -8.50
C ARG B 28 29.05 -3.44 -7.79
N GLY B 29 29.08 -3.20 -6.48
CA GLY B 29 27.87 -2.90 -5.72
C GLY B 29 26.96 -4.07 -5.42
N ILE B 30 25.67 -3.79 -5.31
CA ILE B 30 24.67 -4.83 -5.08
C ILE B 30 24.70 -5.82 -6.24
N GLY B 31 24.89 -5.32 -7.47
CA GLY B 31 24.92 -6.17 -8.66
C GLY B 31 26.07 -7.17 -8.69
N ALA B 32 27.19 -6.83 -8.05
CA ALA B 32 28.34 -7.73 -8.03
C ALA B 32 28.05 -8.90 -7.12
N ALA B 33 27.47 -8.60 -5.96
CA ALA B 33 27.10 -9.62 -4.99
C ALA B 33 26.04 -10.52 -5.60
N VAL B 34 25.03 -9.91 -6.21
CA VAL B 34 23.98 -10.64 -6.92
C VAL B 34 24.57 -11.62 -7.96
N ALA B 35 25.46 -11.12 -8.81
CA ALA B 35 26.11 -11.92 -9.85
C ALA B 35 26.94 -13.07 -9.31
N VAL B 36 27.70 -12.84 -8.24
CA VAL B 36 28.53 -13.90 -7.68
C VAL B 36 27.63 -14.94 -7.04
N HIS B 37 26.58 -14.47 -6.39
CA HIS B 37 25.68 -15.33 -5.63
C HIS B 37 24.96 -16.32 -6.53
N LEU B 38 24.42 -15.83 -7.65
CA LEU B 38 23.85 -16.69 -8.70
C LEU B 38 24.88 -17.70 -9.22
N GLY B 39 26.16 -17.32 -9.22
CA GLY B 39 27.24 -18.24 -9.56
C GLY B 39 27.46 -19.35 -8.54
N ARG B 40 27.30 -19.01 -7.26
CA ARG B 40 27.48 -19.97 -6.17
C ARG B 40 26.32 -20.95 -6.18
N LEU B 41 25.15 -20.44 -6.59
CA LEU B 41 23.93 -21.24 -6.66
C LEU B 41 23.95 -22.23 -7.81
N GLY B 42 24.89 -22.06 -8.74
CA GLY B 42 25.09 -23.00 -9.84
C GLY B 42 24.98 -22.43 -11.24
N ALA B 43 24.46 -21.21 -11.37
CA ALA B 43 24.25 -20.56 -12.66
C ALA B 43 25.54 -20.07 -13.32
N LYS B 44 25.55 -20.06 -14.65
CA LYS B 44 26.51 -19.30 -15.46
C LYS B 44 25.99 -17.85 -15.52
N VAL B 45 26.90 -16.87 -15.55
CA VAL B 45 26.47 -15.46 -15.40
C VAL B 45 27.08 -14.54 -16.45
N VAL B 46 26.25 -13.66 -16.99
CA VAL B 46 26.71 -12.57 -17.84
C VAL B 46 26.88 -11.31 -16.98
N VAL B 47 28.11 -10.88 -16.81
CA VAL B 47 28.42 -9.73 -15.96
C VAL B 47 28.43 -8.44 -16.81
N ASN B 48 27.38 -7.63 -16.67
CA ASN B 48 27.30 -6.40 -17.44
C ASN B 48 27.91 -5.22 -16.72
N TYR B 49 28.66 -4.43 -17.45
CA TYR B 49 29.23 -3.23 -16.88
C TYR B 49 29.14 -2.10 -17.91
N ALA B 50 29.40 -0.87 -17.49
CA ALA B 50 29.41 0.25 -18.42
C ALA B 50 30.71 1.04 -18.36
N ASN B 51 31.37 0.98 -17.19
CA ASN B 51 32.56 1.79 -16.90
C ASN B 51 33.66 1.03 -16.20
N SER B 52 33.26 0.07 -15.35
CA SER B 52 34.18 -0.61 -14.43
C SER B 52 34.70 -1.93 -14.99
N THR B 53 35.51 -1.84 -16.04
CA THR B 53 36.03 -3.01 -16.73
C THR B 53 36.78 -3.92 -15.74
N LYS B 54 37.69 -3.32 -14.97
CA LYS B 54 38.53 -4.09 -14.06
C LYS B 54 37.73 -4.81 -12.98
N ASP B 55 36.70 -4.16 -12.46
CA ASP B 55 35.85 -4.77 -11.45
C ASP B 55 35.01 -5.92 -12.03
N ALA B 56 34.47 -5.72 -13.24
CA ALA B 56 33.74 -6.79 -13.93
C ALA B 56 34.60 -8.03 -14.17
N GLU B 57 35.85 -7.81 -14.59
CA GLU B 57 36.82 -8.90 -14.74
C GLU B 57 36.90 -9.70 -13.45
N LYS B 58 37.04 -8.97 -12.34
CA LYS B 58 37.22 -9.53 -11.00
C LYS B 58 36.02 -10.41 -10.60
N VAL B 59 34.81 -9.91 -10.89
CA VAL B 59 33.58 -10.69 -10.73
C VAL B 59 33.59 -11.97 -11.60
N VAL B 60 34.01 -11.85 -12.86
CA VAL B 60 34.13 -13.01 -13.74
C VAL B 60 35.06 -14.06 -13.13
N SER B 61 36.25 -13.62 -12.72
CA SER B 61 37.23 -14.49 -12.04
C SER B 61 36.66 -15.10 -10.77
N GLU B 62 35.98 -14.28 -9.96
CA GLU B 62 35.39 -14.74 -8.71
C GLU B 62 34.46 -15.92 -8.96
N ILE B 63 33.64 -15.80 -10.01
CA ILE B 63 32.65 -16.81 -10.36
C ILE B 63 33.28 -18.09 -10.92
N LYS B 64 34.33 -17.96 -11.72
CA LYS B 64 35.02 -19.12 -12.28
C LYS B 64 35.71 -19.93 -11.19
N ALA B 65 36.26 -19.23 -10.22
CA ALA B 65 36.95 -19.86 -9.09
C ALA B 65 36.02 -20.67 -8.19
N LEU B 66 34.72 -20.40 -8.23
CA LEU B 66 33.79 -21.16 -7.37
C LEU B 66 33.01 -22.26 -8.10
N GLY B 67 33.44 -22.52 -9.34
CA GLY B 67 33.00 -23.73 -10.06
C GLY B 67 31.97 -23.48 -11.13
N SER B 68 31.92 -22.24 -11.61
CA SER B 68 30.95 -21.89 -12.63
C SER B 68 31.64 -21.11 -13.77
N ASP B 69 30.85 -20.38 -14.55
CA ASP B 69 31.34 -19.74 -15.76
C ASP B 69 30.71 -18.36 -15.96
N ALA B 70 31.49 -17.44 -16.47
CA ALA B 70 31.05 -16.07 -16.59
C ALA B 70 31.78 -15.35 -17.72
N ILE B 71 31.08 -14.38 -18.29
CA ILE B 71 31.62 -13.53 -19.31
C ILE B 71 31.26 -12.07 -18.97
N ALA B 72 32.15 -11.14 -19.31
CA ALA B 72 31.87 -9.73 -19.10
C ALA B 72 31.53 -9.05 -20.42
N ILE B 73 30.33 -8.45 -20.47
CA ILE B 73 29.87 -7.71 -21.63
C ILE B 73 29.63 -6.24 -21.25
N LYS B 74 30.30 -5.33 -21.95
CA LYS B 74 30.10 -3.88 -21.79
C LYS B 74 28.84 -3.40 -22.50
N ALA B 75 28.00 -2.67 -21.79
CA ALA B 75 26.81 -2.07 -22.39
C ALA B 75 26.24 -0.99 -21.48
N ASP B 76 26.07 0.20 -22.03
CA ASP B 76 25.40 1.31 -21.37
C ASP B 76 23.92 0.96 -21.41
N ILE B 77 23.27 0.82 -20.25
CA ILE B 77 21.85 0.42 -20.24
C ILE B 77 20.89 1.59 -20.57
N ARG B 78 21.41 2.81 -20.67
CA ARG B 78 20.61 3.94 -21.15
C ARG B 78 20.31 3.82 -22.65
N GLN B 79 21.18 3.16 -23.41
CA GLN B 79 21.00 2.99 -24.84
C GLN B 79 20.29 1.67 -25.13
N VAL B 80 19.04 1.76 -25.57
CA VAL B 80 18.23 0.56 -25.82
C VAL B 80 18.85 -0.36 -26.90
N PRO B 81 19.39 0.21 -27.99
CA PRO B 81 20.08 -0.68 -28.93
C PRO B 81 21.18 -1.57 -28.28
N GLU B 82 21.73 -1.14 -27.14
CA GLU B 82 22.82 -1.88 -26.49
C GLU B 82 22.29 -2.98 -25.58
N ILE B 83 21.15 -2.71 -24.93
CA ILE B 83 20.39 -3.74 -24.21
C ILE B 83 20.07 -4.89 -25.18
N VAL B 84 19.42 -4.58 -26.30
CA VAL B 84 19.15 -5.57 -27.35
C VAL B 84 20.40 -6.40 -27.67
N LYS B 85 21.52 -5.72 -27.96
CA LYS B 85 22.81 -6.36 -28.26
C LYS B 85 23.33 -7.14 -27.06
N LEU B 86 23.19 -6.57 -25.85
CA LEU B 86 23.64 -7.25 -24.63
C LEU B 86 22.93 -8.60 -24.46
N PHE B 87 21.61 -8.63 -24.66
CA PHE B 87 20.84 -9.86 -24.52
C PHE B 87 21.09 -10.83 -25.68
N ASP B 88 21.31 -10.29 -26.87
CA ASP B 88 21.62 -11.11 -28.05
C ASP B 88 22.93 -11.87 -27.86
N GLN B 89 23.88 -11.23 -27.15
CA GLN B 89 25.21 -11.80 -26.96
C GLN B 89 25.19 -12.86 -25.88
N ALA B 90 24.41 -12.62 -24.83
CA ALA B 90 24.23 -13.57 -23.74
C ALA B 90 23.71 -14.89 -24.27
N VAL B 91 22.64 -14.83 -25.06
CA VAL B 91 22.01 -16.01 -25.65
C VAL B 91 22.96 -16.73 -26.61
N ALA B 92 23.68 -15.95 -27.43
CA ALA B 92 24.67 -16.50 -28.38
C ALA B 92 25.80 -17.24 -27.66
N HIS B 93 26.36 -16.62 -26.63
CA HIS B 93 27.48 -17.19 -25.91
C HIS B 93 27.12 -18.43 -25.06
N PHE B 94 26.10 -18.31 -24.21
CA PHE B 94 25.76 -19.39 -23.29
C PHE B 94 24.64 -20.35 -23.80
N GLY B 95 24.05 -20.04 -24.95
CA GLY B 95 23.08 -20.93 -25.58
C GLY B 95 21.62 -20.56 -25.37
N HIS B 96 21.32 -19.99 -24.21
CA HIS B 96 19.95 -19.64 -23.76
C HIS B 96 20.09 -18.78 -22.49
N LEU B 97 19.05 -18.02 -22.14
CA LEU B 97 19.08 -17.17 -20.95
C LEU B 97 17.81 -17.40 -20.13
N ASP B 98 17.95 -17.57 -18.82
CA ASP B 98 16.80 -17.96 -17.98
C ASP B 98 16.41 -16.88 -16.99
N ILE B 99 17.38 -16.04 -16.61
CA ILE B 99 17.25 -15.11 -15.49
C ILE B 99 17.88 -13.78 -15.83
N ALA B 100 17.09 -12.71 -15.72
CA ALA B 100 17.60 -11.36 -15.83
C ALA B 100 17.31 -10.53 -14.57
N VAL B 101 18.36 -9.95 -14.01
CA VAL B 101 18.25 -9.02 -12.89
C VAL B 101 18.63 -7.60 -13.36
N SER B 102 17.63 -6.72 -13.39
CA SER B 102 17.86 -5.33 -13.68
C SER B 102 18.32 -4.65 -12.38
N ASN B 103 19.60 -4.27 -12.34
CA ASN B 103 20.22 -3.72 -11.14
C ASN B 103 20.76 -2.29 -11.31
N SER B 104 21.38 -1.99 -12.46
CA SER B 104 21.98 -0.69 -12.73
C SER B 104 21.11 0.50 -12.29
N GLY B 105 21.70 1.44 -11.58
CA GLY B 105 20.91 2.56 -11.06
C GLY B 105 21.80 3.69 -10.65
N VAL B 106 21.24 4.89 -10.64
CA VAL B 106 21.94 6.07 -10.14
C VAL B 106 21.07 6.80 -9.11
N VAL B 107 21.73 7.49 -8.17
CA VAL B 107 21.03 8.18 -7.09
C VAL B 107 20.99 9.68 -7.38
N SER B 108 20.06 10.39 -6.75
CA SER B 108 19.88 11.81 -6.99
C SER B 108 19.19 12.55 -5.85
N PHE B 109 19.70 13.73 -5.55
CA PHE B 109 19.12 14.58 -4.52
C PHE B 109 18.99 16.05 -4.97
N GLY B 110 17.91 16.68 -4.54
CA GLY B 110 17.67 18.08 -4.86
C GLY B 110 16.25 18.47 -4.52
N HIS B 111 16.09 19.64 -3.93
CA HIS B 111 14.78 20.21 -3.72
C HIS B 111 14.14 20.35 -5.11
N LEU B 112 12.86 19.99 -5.22
CA LEU B 112 12.06 20.18 -6.45
C LEU B 112 12.37 21.47 -7.26
N LYS B 113 12.40 22.61 -6.57
CA LYS B 113 12.61 23.91 -7.22
C LYS B 113 13.85 24.03 -8.10
N ASP B 114 14.84 23.19 -7.83
CA ASP B 114 16.14 23.28 -8.47
C ASP B 114 16.48 22.11 -9.36
N VAL B 115 15.63 21.07 -9.34
CA VAL B 115 15.78 19.95 -10.25
C VAL B 115 15.71 20.41 -11.71
N THR B 116 16.75 20.10 -12.48
CA THR B 116 16.84 20.49 -13.89
C THR B 116 16.35 19.38 -14.83
N GLU B 117 15.90 19.77 -16.03
CA GLU B 117 15.62 18.83 -17.11
C GLU B 117 16.69 17.76 -17.29
N GLU B 118 17.94 18.21 -17.42
CA GLU B 118 19.09 17.31 -17.57
C GLU B 118 19.22 16.26 -16.46
N GLU B 119 19.00 16.68 -15.20
CA GLU B 119 19.08 15.76 -14.07
C GLU B 119 17.90 14.79 -14.09
N PHE B 120 16.71 15.29 -14.43
CA PHE B 120 15.58 14.40 -14.64
C PHE B 120 15.94 13.28 -15.59
N ASP B 121 16.47 13.61 -16.78
CA ASP B 121 16.74 12.61 -17.81
C ASP B 121 17.92 11.70 -17.46
N ARG B 122 18.94 12.26 -16.82
CA ARG B 122 20.03 11.45 -16.31
C ARG B 122 19.47 10.29 -15.47
N VAL B 123 18.65 10.64 -14.48
CA VAL B 123 18.08 9.62 -13.57
C VAL B 123 17.06 8.67 -14.21
N PHE B 124 16.08 9.20 -14.93
CA PHE B 124 15.01 8.37 -15.50
C PHE B 124 15.42 7.47 -16.66
N SER B 125 16.40 7.91 -17.46
CA SER B 125 16.88 7.14 -18.58
C SER B 125 17.54 5.83 -18.17
N LEU B 126 18.08 5.78 -16.95
CA LEU B 126 18.63 4.53 -16.42
C LEU B 126 17.67 3.79 -15.49
N ASN B 127 17.18 4.49 -14.46
CA ASN B 127 16.44 3.82 -13.38
C ASN B 127 15.10 3.29 -13.84
N THR B 128 14.55 3.90 -14.89
CA THR B 128 13.15 3.70 -15.27
C THR B 128 13.07 3.21 -16.71
N ARG B 129 13.41 4.09 -17.65
CA ARG B 129 13.49 3.73 -19.07
C ARG B 129 14.46 2.54 -19.30
N GLY B 130 15.63 2.59 -18.67
CA GLY B 130 16.60 1.49 -18.78
C GLY B 130 16.03 0.16 -18.28
N GLN B 131 15.60 0.13 -17.02
CA GLN B 131 15.04 -1.07 -16.45
C GLN B 131 13.83 -1.58 -17.27
N PHE B 132 13.09 -0.65 -17.88
CA PHE B 132 11.90 -1.00 -18.62
C PHE B 132 12.29 -1.87 -19.83
N PHE B 133 13.33 -1.45 -20.53
CA PHE B 133 13.72 -2.11 -21.75
C PHE B 133 14.61 -3.30 -21.51
N VAL B 134 15.23 -3.35 -20.33
CA VAL B 134 15.88 -4.57 -19.89
C VAL B 134 14.79 -5.63 -19.75
N ALA B 135 13.65 -5.22 -19.18
CA ALA B 135 12.50 -6.09 -19.04
C ALA B 135 11.97 -6.55 -20.41
N ARG B 136 11.77 -5.61 -21.35
CA ARG B 136 11.36 -5.99 -22.69
C ARG B 136 12.33 -6.99 -23.33
N GLU B 137 13.61 -6.65 -23.35
CA GLU B 137 14.61 -7.55 -23.93
C GLU B 137 14.74 -8.89 -23.22
N ALA B 138 14.53 -8.90 -21.91
CA ALA B 138 14.50 -10.13 -21.13
C ALA B 138 13.30 -11.01 -21.54
N TYR B 139 12.13 -10.41 -21.72
CA TYR B 139 10.95 -11.17 -22.14
C TYR B 139 11.18 -11.77 -23.51
N ARG B 140 11.89 -11.05 -24.37
CA ARG B 140 12.07 -11.47 -25.76
C ARG B 140 13.06 -12.60 -25.90
N HIS B 141 14.04 -12.65 -25.00
CA HIS B 141 15.12 -13.63 -25.06
C HIS B 141 14.99 -14.84 -24.12
N LEU B 142 14.26 -14.68 -23.01
CA LEU B 142 14.23 -15.72 -21.97
C LEU B 142 13.54 -17.01 -22.34
N THR B 143 13.96 -18.09 -21.69
CA THR B 143 13.35 -19.41 -21.81
C THR B 143 12.08 -19.47 -20.98
N GLU B 144 11.18 -20.37 -21.37
CA GLU B 144 9.95 -20.61 -20.60
C GLU B 144 10.29 -20.90 -19.15
N GLY B 145 9.52 -20.31 -18.23
CA GLY B 145 9.72 -20.47 -16.79
C GLY B 145 10.81 -19.57 -16.24
N GLY B 146 11.17 -18.55 -17.02
CA GLY B 146 12.25 -17.64 -16.69
C GLY B 146 11.95 -16.75 -15.51
N ARG B 147 12.91 -15.88 -15.20
CA ARG B 147 12.83 -15.01 -14.03
C ARG B 147 13.34 -13.64 -14.37
N ILE B 148 12.59 -12.61 -13.98
CA ILE B 148 12.98 -11.22 -14.18
C ILE B 148 12.80 -10.48 -12.86
N VAL B 149 13.88 -9.92 -12.32
CA VAL B 149 13.82 -9.07 -11.13
C VAL B 149 14.35 -7.68 -11.48
N LEU B 150 13.55 -6.64 -11.24
CA LEU B 150 14.05 -5.26 -11.39
C LEU B 150 14.40 -4.63 -10.02
N THR B 151 15.04 -3.48 -10.02
CA THR B 151 15.44 -2.88 -8.75
C THR B 151 14.71 -1.56 -8.42
N SER B 152 13.89 -1.63 -7.39
CA SER B 152 13.22 -0.45 -6.84
C SER B 152 14.02 0.06 -5.63
N SER B 153 13.32 0.55 -4.60
CA SER B 153 13.95 1.16 -3.43
C SER B 153 12.91 1.36 -2.31
N ASN B 154 13.36 1.49 -1.07
CA ASN B 154 12.40 1.72 0.02
C ASN B 154 11.84 3.13 0.05
N THR B 155 12.49 4.04 -0.70
CA THR B 155 12.06 5.43 -0.81
C THR B 155 10.95 5.59 -1.83
N SER B 156 10.71 4.55 -2.63
CA SER B 156 9.58 4.55 -3.57
C SER B 156 8.21 4.77 -2.85
N LYS B 157 7.94 3.98 -1.80
CA LYS B 157 6.67 4.04 -1.04
C LYS B 157 6.85 4.11 0.48
N ASP B 158 7.78 3.31 1.01
CA ASP B 158 7.87 3.04 2.46
C ASP B 158 8.61 4.10 3.30
N PHE B 159 9.44 4.91 2.64
CA PHE B 159 10.34 5.83 3.32
C PHE B 159 10.26 7.20 2.61
N SER B 160 10.09 8.26 3.38
CA SER B 160 9.96 9.58 2.78
C SER B 160 11.17 10.43 3.13
N VAL B 161 11.98 10.78 2.13
CA VAL B 161 13.14 11.63 2.39
C VAL B 161 13.06 13.00 1.69
N PRO B 162 13.20 14.11 2.46
CA PRO B 162 13.20 15.44 1.83
C PRO B 162 14.21 15.55 0.68
N LYS B 163 13.85 16.30 -0.36
CA LYS B 163 14.76 16.58 -1.50
C LYS B 163 15.10 15.34 -2.37
N HIS B 164 14.22 14.34 -2.34
CA HIS B 164 14.48 13.02 -2.90
C HIS B 164 13.38 12.60 -3.86
N SER B 165 12.62 13.57 -4.33
CA SER B 165 11.45 13.32 -5.17
C SER B 165 11.77 12.66 -6.50
N LEU B 166 12.80 13.15 -7.18
CA LEU B 166 13.17 12.61 -8.49
C LEU B 166 13.48 11.12 -8.41
N TYR B 167 14.39 10.76 -7.52
CA TYR B 167 14.78 9.37 -7.38
C TYR B 167 13.60 8.48 -6.95
N SER B 168 12.85 8.92 -5.95
CA SER B 168 11.73 8.16 -5.39
C SER B 168 10.73 7.79 -6.47
N GLY B 169 10.47 8.71 -7.38
CA GLY B 169 9.52 8.52 -8.46
C GLY B 169 10.05 7.61 -9.54
N SER B 170 11.34 7.71 -9.83
CA SER B 170 11.97 6.80 -10.77
C SER B 170 11.68 5.35 -10.39
N LYS B 171 11.76 5.06 -9.10
CA LYS B 171 11.50 3.70 -8.59
C LYS B 171 10.01 3.37 -8.40
N GLY B 172 9.20 4.37 -8.05
CA GLY B 172 7.73 4.24 -7.99
C GLY B 172 7.15 3.73 -9.31
N ALA B 173 7.75 4.17 -10.41
CA ALA B 173 7.46 3.66 -11.73
C ALA B 173 7.78 2.16 -11.83
N VAL B 174 8.93 1.77 -11.29
CA VAL B 174 9.34 0.37 -11.33
C VAL B 174 8.30 -0.45 -10.59
N ASP B 175 7.84 0.06 -9.46
CA ASP B 175 6.86 -0.64 -8.62
C ASP B 175 5.57 -0.98 -9.37
N SER B 176 5.09 -0.06 -10.20
CA SER B 176 3.97 -0.35 -11.08
C SER B 176 4.34 -1.28 -12.26
N PHE B 177 5.49 -1.04 -12.88
CA PHE B 177 5.98 -1.88 -13.99
C PHE B 177 5.83 -3.35 -13.70
N VAL B 178 6.41 -3.82 -12.60
CA VAL B 178 6.56 -5.25 -12.33
C VAL B 178 5.24 -5.99 -12.10
N ARG B 179 4.28 -5.29 -11.48
CA ARG B 179 2.94 -5.82 -11.22
C ARG B 179 2.20 -6.13 -12.53
N ILE B 180 2.41 -5.30 -13.56
CA ILE B 180 1.73 -5.50 -14.82
C ILE B 180 2.58 -6.38 -15.73
N PHE B 181 3.90 -6.18 -15.69
CA PHE B 181 4.84 -7.08 -16.36
C PHE B 181 4.49 -8.52 -16.03
N SER B 182 4.14 -8.78 -14.77
CA SER B 182 3.82 -10.17 -14.39
C SER B 182 2.69 -10.75 -15.23
N LYS B 183 1.74 -9.88 -15.60
CA LYS B 183 0.57 -10.27 -16.41
C LYS B 183 0.97 -10.68 -17.83
N ASP B 184 1.57 -9.74 -18.56
CA ASP B 184 2.19 -9.99 -19.88
C ASP B 184 3.13 -11.19 -19.87
N CYS B 185 4.18 -11.14 -19.03
CA CYS B 185 5.21 -12.19 -19.00
C CYS B 185 4.68 -13.57 -18.65
N GLY B 186 3.43 -13.63 -18.21
CA GLY B 186 2.79 -14.90 -17.85
C GLY B 186 2.65 -15.87 -19.01
N ASP B 187 2.53 -15.35 -20.23
CA ASP B 187 2.38 -16.24 -21.36
C ASP B 187 3.69 -16.95 -21.79
N LYS B 188 4.80 -16.59 -21.16
CA LYS B 188 6.03 -17.37 -21.33
C LYS B 188 6.40 -18.05 -20.03
N LYS B 189 5.43 -18.03 -19.10
CA LYS B 189 5.57 -18.58 -17.74
C LYS B 189 6.69 -17.91 -16.94
N ILE B 190 6.96 -16.66 -17.25
CA ILE B 190 8.03 -15.91 -16.63
C ILE B 190 7.48 -15.07 -15.47
N THR B 191 8.08 -15.23 -14.29
CA THR B 191 7.71 -14.35 -13.15
C THR B 191 8.51 -13.07 -13.20
N VAL B 192 7.88 -11.97 -12.82
CA VAL B 192 8.55 -10.68 -12.70
C VAL B 192 8.31 -10.11 -11.32
N ASN B 193 9.38 -9.74 -10.62
CA ASN B 193 9.27 -8.97 -9.37
C ASN B 193 10.28 -7.82 -9.32
N ALA B 194 10.26 -7.10 -8.20
CA ALA B 194 11.32 -6.16 -7.88
C ALA B 194 11.71 -6.34 -6.42
N VAL B 195 12.95 -5.96 -6.12
CA VAL B 195 13.42 -5.83 -4.74
C VAL B 195 13.66 -4.33 -4.48
N ALA B 196 13.28 -3.87 -3.30
CA ALA B 196 13.35 -2.48 -2.98
C ALA B 196 14.17 -2.34 -1.72
N PRO B 197 15.51 -2.24 -1.85
CA PRO B 197 16.37 -2.20 -0.65
C PRO B 197 16.30 -0.88 0.10
N GLY B 198 16.54 -0.94 1.42
CA GLY B 198 16.79 0.25 2.21
C GLY B 198 18.28 0.53 2.17
N GLY B 199 18.78 1.28 3.14
CA GLY B 199 20.20 1.60 3.21
C GLY B 199 21.05 0.35 3.14
N THR B 200 21.78 0.21 2.04
CA THR B 200 22.66 -0.94 1.77
C THR B 200 24.06 -0.38 1.51
N VAL B 201 25.05 -0.90 2.24
CA VAL B 201 26.39 -0.31 2.21
C VAL B 201 27.14 -0.61 0.91
N THR B 202 27.04 0.33 -0.04
CA THR B 202 27.81 0.31 -1.30
C THR B 202 28.40 1.72 -1.55
N ASP B 203 28.97 1.95 -2.74
CA ASP B 203 29.53 3.28 -3.07
C ASP B 203 28.42 4.35 -3.12
N MET B 204 27.25 3.96 -3.61
CA MET B 204 26.07 4.81 -3.60
C MET B 204 25.74 5.30 -2.17
N PHE B 205 25.76 4.35 -1.22
CA PHE B 205 25.44 4.61 0.18
C PHE B 205 26.33 5.69 0.77
N HIS B 206 27.63 5.54 0.59
CA HIS B 206 28.59 6.50 1.14
C HIS B 206 28.48 7.85 0.42
N GLU B 207 28.24 7.82 -0.88
CA GLU B 207 28.01 9.05 -1.65
C GLU B 207 26.90 9.92 -1.04
N VAL B 208 25.85 9.31 -0.47
CA VAL B 208 24.69 10.10 -0.02
C VAL B 208 24.16 9.92 1.39
N SER B 209 24.82 9.09 2.20
CA SER B 209 24.33 8.84 3.56
C SER B 209 23.95 10.14 4.30
N HIS B 210 24.59 11.25 3.91
CA HIS B 210 24.40 12.54 4.59
C HIS B 210 23.07 13.22 4.29
N HIS B 211 22.52 12.94 3.11
CA HIS B 211 21.19 13.45 2.70
C HIS B 211 20.01 12.83 3.47
N TYR B 212 20.23 11.69 4.13
CA TYR B 212 19.18 10.93 4.83
C TYR B 212 19.07 11.27 6.31
N ILE B 213 19.97 12.14 6.78
CA ILE B 213 20.09 12.47 8.20
C ILE B 213 20.13 14.00 8.36
N PRO B 214 19.36 14.54 9.32
CA PRO B 214 19.43 15.96 9.69
C PRO B 214 20.84 16.36 10.13
N ASN B 215 21.44 17.31 9.42
CA ASN B 215 22.84 17.73 9.64
C ASN B 215 23.84 16.58 9.58
N GLY B 216 23.92 15.94 8.42
CA GLY B 216 24.72 14.73 8.22
C GLY B 216 26.15 14.99 7.80
N THR B 217 26.38 16.14 7.16
CA THR B 217 27.72 16.60 6.79
C THR B 217 28.66 16.69 8.00
N SER B 218 28.10 17.04 9.17
CA SER B 218 28.87 17.17 10.42
C SER B 218 29.12 15.84 11.18
N TYR B 219 28.73 14.71 10.58
CA TYR B 219 29.08 13.38 11.09
C TYR B 219 30.08 12.74 10.14
N THR B 220 30.85 11.76 10.64
CA THR B 220 31.79 11.00 9.79
C THR B 220 31.04 10.08 8.84
N ALA B 221 31.77 9.37 7.99
CA ALA B 221 31.20 8.34 7.12
C ALA B 221 30.90 7.07 7.90
N GLU B 222 31.73 6.78 8.92
CA GLU B 222 31.49 5.67 9.85
C GLU B 222 30.24 5.96 10.69
N GLN B 223 30.17 7.16 11.27
CA GLN B 223 29.06 7.52 12.14
C GLN B 223 27.71 7.51 11.43
N ARG B 224 27.71 7.91 10.16
CA ARG B 224 26.47 7.93 9.38
C ARG B 224 25.99 6.52 9.05
N GLN B 225 26.90 5.66 8.62
CA GLN B 225 26.62 4.24 8.45
C GLN B 225 26.12 3.60 9.74
N GLN B 226 26.67 4.00 10.88
CA GLN B 226 26.26 3.44 12.17
C GLN B 226 24.90 3.98 12.63
N MET B 227 24.43 5.07 12.03
CA MET B 227 23.06 5.55 12.29
C MET B 227 22.03 4.85 11.40
N ALA B 228 22.37 4.66 10.13
CA ALA B 228 21.56 3.88 9.23
C ALA B 228 21.30 2.44 9.73
N ALA B 229 22.28 1.90 10.46
CA ALA B 229 22.19 0.58 11.09
C ALA B 229 21.09 0.50 12.16
N HIS B 230 20.84 1.60 12.87
CA HIS B 230 19.80 1.67 13.89
C HIS B 230 18.38 1.86 13.33
N ALA B 231 18.26 2.10 12.02
CA ALA B 231 16.95 2.15 11.36
C ALA B 231 16.22 0.83 11.45
N SER B 232 16.94 -0.26 11.23
CA SER B 232 16.39 -1.61 11.34
C SER B 232 16.36 -2.05 12.81
N PRO B 233 15.31 -2.82 13.20
CA PRO B 233 15.19 -3.27 14.59
C PRO B 233 16.19 -4.40 14.90
N LEU B 234 16.88 -4.87 13.85
CA LEU B 234 17.99 -5.81 13.98
C LEU B 234 19.31 -5.09 14.30
N HIS B 235 19.31 -3.76 14.14
CA HIS B 235 20.48 -2.91 14.46
C HIS B 235 21.74 -3.19 13.64
N ARG B 236 21.56 -3.32 12.32
CA ARG B 236 22.68 -3.52 11.42
C ARG B 236 22.35 -2.93 10.05
N ASN B 237 23.37 -2.75 9.20
CA ASN B 237 23.13 -2.22 7.88
C ASN B 237 22.68 -3.32 6.97
N GLY B 238 22.00 -2.91 5.90
CA GLY B 238 21.80 -3.74 4.72
C GLY B 238 23.13 -3.87 4.00
N TRP B 239 23.36 -5.06 3.46
CA TRP B 239 24.58 -5.39 2.75
C TRP B 239 24.23 -5.96 1.40
N PRO B 240 25.09 -5.73 0.39
CA PRO B 240 24.80 -6.27 -0.93
C PRO B 240 24.36 -7.73 -0.88
N GLN B 241 24.96 -8.52 0.01
CA GLN B 241 24.58 -9.94 0.22
C GLN B 241 23.10 -10.14 0.60
N ASP B 242 22.56 -9.22 1.40
CA ASP B 242 21.18 -9.32 1.85
C ASP B 242 20.22 -9.27 0.66
N VAL B 243 20.55 -8.45 -0.34
CA VAL B 243 19.72 -8.36 -1.54
C VAL B 243 19.88 -9.65 -2.35
N ALA B 244 21.13 -10.07 -2.52
CA ALA B 244 21.50 -11.26 -3.27
C ALA B 244 20.80 -12.51 -2.77
N ASN B 245 20.72 -12.64 -1.44
CA ASN B 245 20.00 -13.76 -0.81
C ASN B 245 18.54 -13.80 -1.24
N VAL B 246 17.91 -12.61 -1.32
CA VAL B 246 16.50 -12.51 -1.71
C VAL B 246 16.32 -12.69 -3.22
N VAL B 247 17.16 -12.04 -4.01
CA VAL B 247 17.08 -12.22 -5.45
C VAL B 247 17.24 -13.71 -5.76
N GLY B 248 18.17 -14.35 -5.05
CA GLY B 248 18.47 -15.77 -5.21
C GLY B 248 17.29 -16.66 -4.93
N PHE B 249 16.43 -16.29 -3.98
CA PHE B 249 15.22 -17.06 -3.73
C PHE B 249 14.21 -16.80 -4.84
N LEU B 250 13.94 -15.52 -5.13
CA LEU B 250 13.04 -15.14 -6.22
C LEU B 250 13.31 -15.87 -7.57
N VAL B 251 14.59 -16.07 -7.91
CA VAL B 251 14.95 -16.60 -9.23
C VAL B 251 15.04 -18.14 -9.29
N SER B 252 14.95 -18.76 -8.12
CA SER B 252 14.93 -20.21 -7.99
C SER B 252 13.57 -20.76 -8.40
N LYS B 253 13.49 -22.08 -8.54
CA LYS B 253 12.22 -22.72 -8.80
C LYS B 253 11.22 -22.42 -7.67
N GLU B 254 11.70 -22.40 -6.42
CA GLU B 254 10.82 -22.33 -5.23
C GLU B 254 10.14 -20.97 -5.02
N GLY B 255 10.68 -19.93 -5.64
CA GLY B 255 10.12 -18.57 -5.54
C GLY B 255 8.98 -18.22 -6.51
N GLU B 256 8.64 -19.17 -7.38
CA GLU B 256 7.66 -18.98 -8.46
C GLU B 256 6.38 -18.28 -8.03
N TRP B 257 5.82 -18.69 -6.90
CA TRP B 257 4.53 -18.15 -6.48
C TRP B 257 4.65 -16.75 -5.89
N VAL B 258 5.88 -16.24 -5.74
CA VAL B 258 6.10 -14.80 -5.55
C VAL B 258 6.27 -14.17 -6.92
N ASN B 259 5.26 -13.43 -7.35
CA ASN B 259 5.16 -12.90 -8.71
C ASN B 259 4.39 -11.59 -8.71
N GLY B 260 4.83 -10.62 -9.51
CA GLY B 260 4.20 -9.29 -9.59
C GLY B 260 4.34 -8.43 -8.33
N LYS B 261 5.40 -8.69 -7.56
CA LYS B 261 5.57 -8.09 -6.24
C LYS B 261 6.84 -7.27 -6.04
N VAL B 262 6.75 -6.28 -5.16
CA VAL B 262 7.93 -5.54 -4.69
C VAL B 262 8.27 -6.04 -3.28
N LEU B 263 9.48 -6.55 -3.10
CA LEU B 263 9.91 -6.91 -1.75
C LEU B 263 10.81 -5.79 -1.21
N THR B 264 10.34 -5.11 -0.17
CA THR B 264 11.14 -4.14 0.56
C THR B 264 12.13 -4.87 1.47
N LEU B 265 13.41 -4.64 1.20
CA LEU B 265 14.50 -5.28 1.93
C LEU B 265 15.27 -4.29 2.80
N ASP B 266 14.68 -3.98 3.95
CA ASP B 266 15.25 -2.96 4.83
C ASP B 266 15.47 -3.46 6.25
N GLY B 267 15.38 -4.77 6.44
CA GLY B 267 15.61 -5.40 7.73
C GLY B 267 14.57 -5.03 8.77
N GLY B 268 13.43 -4.52 8.32
CA GLY B 268 12.33 -4.18 9.22
C GLY B 268 12.25 -2.72 9.61
N ALA B 269 13.05 -1.87 8.96
CA ALA B 269 13.03 -0.43 9.20
C ALA B 269 11.63 0.13 9.11
N ALA B 270 10.98 -0.10 7.97
CA ALA B 270 9.69 0.50 7.61
C ALA B 270 8.62 0.30 8.69
N GLY C 14 -20.99 22.28 -0.11
CA GLY C 14 -21.21 20.96 0.55
C GLY C 14 -21.89 21.07 1.90
N ARG C 15 -23.11 21.62 1.90
CA ARG C 15 -23.94 21.73 3.10
C ARG C 15 -24.59 20.37 3.40
N LEU C 16 -25.30 20.27 4.52
CA LEU C 16 -25.96 19.02 4.91
C LEU C 16 -27.36 19.31 5.45
N ASP C 17 -27.94 20.43 5.06
CA ASP C 17 -29.28 20.83 5.52
C ASP C 17 -30.32 19.77 5.23
N GLY C 18 -31.18 19.52 6.21
CA GLY C 18 -32.24 18.54 6.06
C GLY C 18 -31.78 17.13 6.39
N LYS C 19 -30.47 16.97 6.59
CA LYS C 19 -29.90 15.68 6.91
C LYS C 19 -29.74 15.50 8.43
N VAL C 20 -29.56 14.25 8.83
CA VAL C 20 -29.45 13.86 10.23
C VAL C 20 -28.21 12.98 10.36
N ALA C 21 -27.39 13.26 11.36
CA ALA C 21 -26.09 12.61 11.51
C ALA C 21 -25.91 12.07 12.94
N LEU C 22 -25.06 11.06 13.07
CA LEU C 22 -24.78 10.45 14.36
C LEU C 22 -23.27 10.28 14.52
N VAL C 23 -22.72 10.76 15.63
CA VAL C 23 -21.29 10.62 15.90
C VAL C 23 -21.09 9.93 17.24
N THR C 24 -20.37 8.82 17.24
CA THR C 24 -20.10 8.11 18.51
C THR C 24 -18.92 8.76 19.23
N GLY C 25 -18.98 8.72 20.57
CA GLY C 25 -17.99 9.37 21.43
C GLY C 25 -17.75 10.80 21.02
N SER C 26 -18.82 11.59 20.99
CA SER C 26 -18.75 12.97 20.51
C SER C 26 -19.00 14.02 21.61
N GLY C 27 -18.76 13.65 22.86
CA GLY C 27 -18.74 14.62 23.95
C GLY C 27 -17.42 15.38 23.96
N ARG C 28 -16.34 14.71 23.58
CA ARG C 28 -15.03 15.37 23.61
C ARG C 28 -14.11 14.94 22.48
N GLY C 29 -12.94 15.59 22.42
CA GLY C 29 -11.90 15.25 21.45
C GLY C 29 -12.40 15.47 20.04
N ILE C 30 -12.02 14.56 19.14
CA ILE C 30 -12.31 14.68 17.71
C ILE C 30 -13.81 14.61 17.46
N GLY C 31 -14.46 13.61 18.07
CA GLY C 31 -15.90 13.40 17.91
C GLY C 31 -16.68 14.68 18.07
N ALA C 32 -16.35 15.44 19.11
CA ALA C 32 -17.05 16.66 19.42
C ALA C 32 -16.93 17.68 18.29
N ALA C 33 -15.71 17.86 17.78
CA ALA C 33 -15.49 18.82 16.68
C ALA C 33 -16.33 18.40 15.49
N VAL C 34 -16.32 17.10 15.20
CA VAL C 34 -17.07 16.53 14.07
C VAL C 34 -18.58 16.79 14.21
N ALA C 35 -19.10 16.66 15.42
CA ALA C 35 -20.54 16.87 15.67
C ALA C 35 -20.94 18.33 15.49
N VAL C 36 -20.17 19.23 16.07
CA VAL C 36 -20.43 20.66 15.87
C VAL C 36 -20.30 21.02 14.38
N HIS C 37 -19.30 20.46 13.70
CA HIS C 37 -19.07 20.74 12.28
C HIS C 37 -20.23 20.26 11.43
N LEU C 38 -20.62 18.99 11.55
CA LEU C 38 -21.81 18.52 10.85
C LEU C 38 -23.03 19.38 11.23
N GLY C 39 -23.11 19.79 12.49
CA GLY C 39 -24.15 20.71 12.95
C GLY C 39 -24.08 22.06 12.25
N ARG C 40 -22.88 22.65 12.21
CA ARG C 40 -22.66 23.90 11.48
C ARG C 40 -23.07 23.75 10.02
N LEU C 41 -22.78 22.60 9.40
CA LEU C 41 -23.08 22.38 7.99
C LEU C 41 -24.58 22.21 7.71
N GLY C 42 -25.38 22.07 8.77
CA GLY C 42 -26.83 21.97 8.63
C GLY C 42 -27.48 20.72 9.19
N ALA C 43 -26.70 19.65 9.33
CA ALA C 43 -27.21 18.38 9.82
C ALA C 43 -27.78 18.51 11.22
N LYS C 44 -28.77 17.69 11.57
CA LYS C 44 -29.20 17.53 12.96
C LYS C 44 -28.34 16.42 13.56
N VAL C 45 -27.85 16.61 14.79
CA VAL C 45 -26.84 15.66 15.32
C VAL C 45 -27.26 14.88 16.56
N VAL C 46 -27.11 13.57 16.50
CA VAL C 46 -27.21 12.72 17.68
C VAL C 46 -25.82 12.67 18.28
N VAL C 47 -25.67 13.22 19.48
CA VAL C 47 -24.38 13.26 20.19
C VAL C 47 -24.27 12.09 21.20
N ASN C 48 -23.51 11.07 20.84
CA ASN C 48 -23.36 9.89 21.67
C ASN C 48 -22.17 9.95 22.62
N TYR C 49 -22.37 9.50 23.86
CA TYR C 49 -21.32 9.42 24.89
C TYR C 49 -21.48 8.14 25.75
N ALA C 50 -20.46 7.80 26.52
CA ALA C 50 -20.58 6.70 27.45
C ALA C 50 -20.39 7.15 28.90
N ASN C 51 -19.65 8.23 29.08
CA ASN C 51 -19.33 8.73 30.42
C ASN C 51 -19.53 10.24 30.57
N SER C 52 -19.12 10.99 29.55
CA SER C 52 -19.10 12.46 29.61
C SER C 52 -20.44 13.14 29.39
N THR C 53 -21.30 13.14 30.41
CA THR C 53 -22.60 13.78 30.30
C THR C 53 -22.51 15.30 30.04
N LYS C 54 -21.92 16.06 30.97
CA LYS C 54 -21.75 17.52 30.80
C LYS C 54 -21.20 17.92 29.44
N ASP C 55 -20.02 17.40 29.11
CA ASP C 55 -19.41 17.65 27.81
C ASP C 55 -20.38 17.39 26.63
N ALA C 56 -21.08 16.24 26.63
CA ALA C 56 -22.00 15.89 25.55
C ALA C 56 -23.13 16.90 25.37
N GLU C 57 -23.71 17.33 26.50
CA GLU C 57 -24.81 18.31 26.52
C GLU C 57 -24.34 19.71 26.08
N LYS C 58 -23.08 20.06 26.35
CA LYS C 58 -22.53 21.33 25.90
C LYS C 58 -22.38 21.35 24.39
N VAL C 59 -21.99 20.22 23.82
CA VAL C 59 -21.93 20.03 22.37
C VAL C 59 -23.33 20.21 21.76
N VAL C 60 -24.34 19.59 22.35
CA VAL C 60 -25.73 19.77 21.93
C VAL C 60 -26.12 21.25 21.91
N SER C 61 -25.83 21.93 23.02
CA SER C 61 -26.08 23.37 23.19
C SER C 61 -25.39 24.19 22.13
N GLU C 62 -24.16 23.80 21.78
CA GLU C 62 -23.39 24.53 20.81
C GLU C 62 -24.04 24.38 19.44
N ILE C 63 -24.41 23.14 19.10
CA ILE C 63 -25.12 22.86 17.85
C ILE C 63 -26.45 23.62 17.80
N LYS C 64 -27.19 23.64 18.90
CA LYS C 64 -28.45 24.38 18.97
C LYS C 64 -28.23 25.90 18.84
N ALA C 65 -27.23 26.43 19.56
CA ALA C 65 -26.86 27.84 19.49
C ALA C 65 -26.65 28.32 18.07
N LEU C 66 -26.01 27.51 17.24
CA LEU C 66 -25.74 27.88 15.85
C LEU C 66 -26.83 27.51 14.84
N GLY C 67 -28.05 27.27 15.32
CA GLY C 67 -29.19 27.12 14.42
C GLY C 67 -29.76 25.73 14.23
N SER C 68 -28.97 24.68 14.44
CA SER C 68 -29.43 23.31 14.21
C SER C 68 -30.01 22.63 15.47
N ASP C 69 -30.31 21.34 15.41
CA ASP C 69 -30.84 20.62 16.56
C ASP C 69 -29.96 19.42 16.93
N ALA C 70 -30.09 18.93 18.16
CA ALA C 70 -29.26 17.83 18.65
C ALA C 70 -29.79 17.19 19.92
N ILE C 71 -29.36 15.97 20.18
CA ILE C 71 -29.72 15.27 21.41
C ILE C 71 -28.55 14.39 21.86
N ALA C 72 -28.26 14.44 23.16
CA ALA C 72 -27.20 13.65 23.74
C ALA C 72 -27.76 12.31 24.25
N ILE C 73 -27.21 11.20 23.74
CA ILE C 73 -27.70 9.87 24.08
C ILE C 73 -26.58 8.93 24.55
N LYS C 74 -26.77 8.34 25.74
CA LYS C 74 -25.77 7.46 26.34
C LYS C 74 -25.83 6.06 25.76
N ALA C 75 -24.67 5.53 25.34
CA ALA C 75 -24.54 4.14 24.91
C ALA C 75 -23.09 3.72 24.93
N ASP C 76 -22.84 2.59 25.58
CA ASP C 76 -21.51 1.98 25.62
C ASP C 76 -21.29 1.15 24.33
N ILE C 77 -20.46 1.68 23.44
CA ILE C 77 -20.29 1.10 22.12
C ILE C 77 -19.68 -0.32 22.12
N ARG C 78 -19.15 -0.76 23.27
CA ARG C 78 -18.68 -2.14 23.40
C ARG C 78 -19.86 -3.13 23.36
N GLN C 79 -21.02 -2.69 23.85
CA GLN C 79 -22.23 -3.53 23.88
C GLN C 79 -23.02 -3.38 22.58
N VAL C 80 -23.08 -4.43 21.78
CA VAL C 80 -23.91 -4.39 20.56
C VAL C 80 -25.38 -4.00 20.87
N PRO C 81 -26.06 -4.67 21.83
CA PRO C 81 -27.46 -4.26 22.05
C PRO C 81 -27.61 -2.78 22.36
N GLU C 82 -26.51 -2.15 22.79
CA GLU C 82 -26.52 -0.71 23.02
C GLU C 82 -26.28 0.13 21.78
N ILE C 83 -25.49 -0.40 20.84
CA ILE C 83 -25.40 0.17 19.50
C ILE C 83 -26.78 0.15 18.82
N VAL C 84 -27.46 -0.99 18.88
CA VAL C 84 -28.80 -1.15 18.33
C VAL C 84 -29.78 -0.10 18.90
N LYS C 85 -29.82 -0.02 20.23
CA LYS C 85 -30.64 0.94 20.96
C LYS C 85 -30.36 2.39 20.55
N LEU C 86 -29.08 2.75 20.49
CA LEU C 86 -28.65 4.09 20.05
C LEU C 86 -29.18 4.45 18.65
N PHE C 87 -29.04 3.52 17.71
CA PHE C 87 -29.54 3.72 16.35
C PHE C 87 -31.08 3.74 16.22
N ASP C 88 -31.77 2.86 16.99
CA ASP C 88 -33.24 2.91 17.12
C ASP C 88 -33.70 4.30 17.63
N GLN C 89 -33.02 4.84 18.64
CA GLN C 89 -33.37 6.13 19.24
C GLN C 89 -33.11 7.28 18.31
N ALA C 90 -32.05 7.15 17.51
CA ALA C 90 -31.69 8.18 16.52
C ALA C 90 -32.83 8.38 15.49
N VAL C 91 -33.27 7.28 14.87
CA VAL C 91 -34.39 7.28 13.94
C VAL C 91 -35.70 7.71 14.60
N ALA C 92 -35.94 7.24 15.82
CA ALA C 92 -37.16 7.61 16.53
C ALA C 92 -37.16 9.11 16.84
N HIS C 93 -36.02 9.66 17.24
CA HIS C 93 -36.00 11.08 17.63
C HIS C 93 -36.10 12.05 16.48
N PHE C 94 -35.37 11.77 15.39
CA PHE C 94 -35.34 12.71 14.25
C PHE C 94 -36.08 12.23 13.00
N GLY C 95 -36.67 11.04 13.05
CA GLY C 95 -37.50 10.54 11.94
C GLY C 95 -36.80 9.65 10.93
N HIS C 96 -35.48 9.82 10.82
CA HIS C 96 -34.61 9.07 9.89
C HIS C 96 -33.14 9.33 10.25
N LEU C 97 -32.21 8.60 9.64
CA LEU C 97 -30.77 8.90 9.82
C LEU C 97 -30.03 8.78 8.50
N ASP C 98 -29.10 9.70 8.25
CA ASP C 98 -28.45 9.83 6.95
C ASP C 98 -26.97 9.57 7.01
N ILE C 99 -26.36 9.98 8.10
CA ILE C 99 -24.90 9.99 8.24
C ILE C 99 -24.55 9.37 9.57
N ALA C 100 -23.59 8.44 9.55
CA ALA C 100 -23.09 7.77 10.73
C ALA C 100 -21.57 7.87 10.80
N VAL C 101 -21.08 8.53 11.86
CA VAL C 101 -19.64 8.62 12.11
C VAL C 101 -19.26 7.80 13.36
N SER C 102 -18.45 6.77 13.15
CA SER C 102 -17.92 5.97 14.24
C SER C 102 -16.55 6.52 14.64
N ASN C 103 -16.48 7.05 15.85
CA ASN C 103 -15.34 7.81 16.32
C ASN C 103 -14.73 7.28 17.63
N SER C 104 -15.58 6.78 18.53
CA SER C 104 -15.15 6.16 19.78
C SER C 104 -13.91 5.32 19.58
N GLY C 105 -12.90 5.57 20.41
CA GLY C 105 -11.69 4.77 20.44
C GLY C 105 -10.86 4.93 21.71
N VAL C 106 -10.02 3.93 21.99
CA VAL C 106 -9.05 4.03 23.08
C VAL C 106 -7.66 3.72 22.57
N VAL C 107 -6.66 4.35 23.18
CA VAL C 107 -5.27 4.06 22.80
C VAL C 107 -4.62 3.03 23.77
N SER C 108 -3.53 2.41 23.31
CA SER C 108 -2.78 1.45 24.11
C SER C 108 -1.33 1.33 23.68
N PHE C 109 -0.45 1.14 24.66
CA PHE C 109 0.95 0.88 24.38
C PHE C 109 1.51 -0.17 25.29
N GLY C 110 2.34 -1.03 24.73
CA GLY C 110 3.05 -2.08 25.46
C GLY C 110 3.84 -2.93 24.49
N HIS C 111 5.01 -3.40 24.92
CA HIS C 111 5.78 -4.36 24.15
C HIS C 111 4.96 -5.63 24.02
N LEU C 112 4.97 -6.25 22.84
CA LEU C 112 4.24 -7.50 22.62
C LEU C 112 4.20 -8.43 23.83
N LYS C 113 5.37 -8.72 24.41
CA LYS C 113 5.53 -9.70 25.49
C LYS C 113 4.70 -9.47 26.77
N ASP C 114 4.21 -8.24 26.96
CA ASP C 114 3.50 -7.84 28.18
C ASP C 114 1.99 -7.75 28.00
N VAL C 115 1.52 -7.69 26.75
CA VAL C 115 0.10 -7.51 26.49
C VAL C 115 -0.70 -8.71 26.96
N THR C 116 -1.74 -8.40 27.71
CA THR C 116 -2.58 -9.38 28.40
C THR C 116 -3.90 -9.59 27.64
N GLU C 117 -4.58 -10.71 27.91
CA GLU C 117 -5.92 -10.96 27.41
C GLU C 117 -6.86 -9.80 27.69
N GLU C 118 -6.74 -9.23 28.89
CA GLU C 118 -7.61 -8.13 29.33
C GLU C 118 -7.39 -6.87 28.51
N GLU C 119 -6.12 -6.54 28.27
CA GLU C 119 -5.78 -5.34 27.51
C GLU C 119 -6.12 -5.50 26.03
N PHE C 120 -5.87 -6.67 25.46
CA PHE C 120 -6.34 -6.92 24.10
C PHE C 120 -7.84 -6.72 23.98
N ASP C 121 -8.60 -7.37 24.87
CA ASP C 121 -10.06 -7.29 24.79
C ASP C 121 -10.62 -5.87 25.04
N ARG C 122 -10.02 -5.13 25.97
CA ARG C 122 -10.34 -3.71 26.18
C ARG C 122 -10.28 -2.96 24.86
N VAL C 123 -9.14 -3.05 24.16
CA VAL C 123 -8.90 -2.27 22.92
C VAL C 123 -9.69 -2.78 21.72
N PHE C 124 -9.73 -4.09 21.52
CA PHE C 124 -10.50 -4.64 20.39
C PHE C 124 -12.02 -4.55 20.48
N SER C 125 -12.58 -4.60 21.69
CA SER C 125 -14.03 -4.47 21.86
C SER C 125 -14.54 -3.13 21.37
N LEU C 126 -13.77 -2.07 21.59
CA LEU C 126 -14.20 -0.73 21.23
C LEU C 126 -13.73 -0.30 19.85
N ASN C 127 -12.43 -0.44 19.58
CA ASN C 127 -11.85 0.10 18.35
C ASN C 127 -12.20 -0.68 17.08
N THR C 128 -12.50 -1.97 17.22
CA THR C 128 -12.64 -2.90 16.10
C THR C 128 -14.03 -3.57 16.07
N ARG C 129 -14.31 -4.42 17.06
CA ARG C 129 -15.64 -4.99 17.24
C ARG C 129 -16.75 -3.91 17.31
N GLY C 130 -16.59 -2.93 18.21
CA GLY C 130 -17.54 -1.84 18.35
C GLY C 130 -17.72 -1.06 17.04
N GLN C 131 -16.63 -0.76 16.35
CA GLN C 131 -16.75 -0.09 15.06
C GLN C 131 -17.46 -0.94 14.01
N PHE C 132 -17.08 -2.21 13.92
CA PHE C 132 -17.77 -3.15 13.02
C PHE C 132 -19.30 -3.13 13.18
N PHE C 133 -19.79 -3.16 14.42
CA PHE C 133 -21.25 -3.18 14.67
C PHE C 133 -21.95 -1.82 14.60
N VAL C 134 -21.22 -0.73 14.84
CA VAL C 134 -21.75 0.58 14.54
C VAL C 134 -22.04 0.65 13.04
N ALA C 135 -21.12 0.13 12.22
CA ALA C 135 -21.32 0.05 10.75
C ALA C 135 -22.51 -0.81 10.38
N ARG C 136 -22.64 -1.97 10.99
CA ARG C 136 -23.81 -2.84 10.78
C ARG C 136 -25.09 -2.10 11.07
N GLU C 137 -25.20 -1.57 12.29
CA GLU C 137 -26.38 -0.83 12.71
C GLU C 137 -26.69 0.42 11.88
N ALA C 138 -25.65 1.15 11.46
CA ALA C 138 -25.79 2.24 10.49
C ALA C 138 -26.39 1.77 9.17
N TYR C 139 -25.84 0.71 8.59
CA TYR C 139 -26.41 0.17 7.36
C TYR C 139 -27.93 -0.13 7.51
N ARG C 140 -28.31 -0.81 8.61
CA ARG C 140 -29.73 -1.20 8.81
C ARG C 140 -30.67 0.00 8.97
N HIS C 141 -30.19 1.08 9.59
CA HIS C 141 -31.01 2.27 9.92
C HIS C 141 -30.99 3.42 8.90
N LEU C 142 -29.92 3.50 8.09
CA LEU C 142 -29.70 4.61 7.14
C LEU C 142 -30.66 4.68 5.93
N THR C 143 -30.90 5.91 5.49
CA THR C 143 -31.65 6.16 4.27
C THR C 143 -30.76 5.88 3.05
N GLU C 144 -31.37 5.45 1.95
CA GLU C 144 -30.68 5.34 0.67
C GLU C 144 -29.76 6.55 0.42
N GLY C 145 -28.55 6.28 -0.06
CA GLY C 145 -27.61 7.32 -0.43
C GLY C 145 -26.91 7.96 0.75
N GLY C 146 -26.88 7.24 1.87
CA GLY C 146 -26.28 7.71 3.12
C GLY C 146 -24.77 7.61 3.15
N ARG C 147 -24.20 7.83 4.35
CA ARG C 147 -22.75 7.93 4.53
C ARG C 147 -22.32 7.32 5.86
N ILE C 148 -21.47 6.30 5.80
CA ILE C 148 -20.86 5.76 7.00
C ILE C 148 -19.36 6.07 6.92
N VAL C 149 -18.82 6.55 8.05
CA VAL C 149 -17.42 6.90 8.16
C VAL C 149 -16.92 6.34 9.48
N LEU C 150 -15.81 5.58 9.42
CA LEU C 150 -15.17 5.01 10.61
C LEU C 150 -13.82 5.66 10.83
N THR C 151 -13.21 5.40 11.98
CA THR C 151 -11.97 6.04 12.34
C THR C 151 -10.86 5.03 12.49
N SER C 152 -9.78 5.28 11.74
CA SER C 152 -8.58 4.47 11.75
C SER C 152 -7.45 5.28 12.41
N SER C 153 -6.25 5.24 11.85
CA SER C 153 -5.05 5.78 12.45
C SER C 153 -3.93 5.72 11.41
N ASN C 154 -3.02 6.69 11.40
CA ASN C 154 -1.86 6.59 10.54
C ASN C 154 -0.94 5.46 10.99
N THR C 155 -1.12 5.01 12.23
CA THR C 155 -0.28 3.95 12.77
C THR C 155 -0.73 2.57 12.24
N SER C 156 -1.80 2.59 11.46
CA SER C 156 -2.30 1.41 10.73
C SER C 156 -1.26 0.92 9.72
N LYS C 157 -0.90 1.78 8.76
CA LYS C 157 0.00 1.39 7.68
C LYS C 157 1.17 2.34 7.51
N ASP C 158 0.99 3.59 7.90
CA ASP C 158 1.87 4.67 7.43
C ASP C 158 2.94 5.10 8.41
N PHE C 159 2.81 4.67 9.67
CA PHE C 159 3.69 5.10 10.75
C PHE C 159 3.88 3.87 11.65
N SER C 160 5.14 3.57 11.98
CA SER C 160 5.47 2.37 12.73
C SER C 160 6.14 2.75 14.04
N VAL C 161 5.36 2.69 15.13
CA VAL C 161 5.85 3.06 16.45
C VAL C 161 6.11 1.80 17.28
N PRO C 162 7.30 1.70 17.92
CA PRO C 162 7.55 0.62 18.87
C PRO C 162 6.47 0.48 19.96
N LYS C 163 6.21 -0.77 20.37
CA LYS C 163 5.29 -1.09 21.48
C LYS C 163 3.84 -0.71 21.17
N HIS C 164 3.49 -0.59 19.90
CA HIS C 164 2.19 -0.05 19.52
C HIS C 164 1.43 -1.05 18.64
N SER C 165 1.73 -2.34 18.79
CA SER C 165 1.13 -3.35 17.90
C SER C 165 -0.38 -3.56 18.08
N LEU C 166 -0.85 -3.70 19.32
CA LEU C 166 -2.27 -3.90 19.59
C LEU C 166 -3.19 -2.84 18.95
N TYR C 167 -2.87 -1.57 19.16
CA TYR C 167 -3.69 -0.47 18.66
C TYR C 167 -3.56 -0.39 17.17
N SER C 168 -2.32 -0.56 16.67
CA SER C 168 -2.07 -0.47 15.23
C SER C 168 -2.87 -1.56 14.54
N GLY C 169 -2.82 -2.77 15.11
CA GLY C 169 -3.63 -3.90 14.64
C GLY C 169 -5.12 -3.60 14.68
N SER C 170 -5.59 -3.02 15.79
CA SER C 170 -7.00 -2.68 15.92
C SER C 170 -7.48 -1.80 14.76
N LYS C 171 -6.64 -0.86 14.32
CA LYS C 171 -7.03 0.06 13.26
C LYS C 171 -6.82 -0.50 11.86
N GLY C 172 -5.89 -1.45 11.74
CA GLY C 172 -5.65 -2.17 10.46
C GLY C 172 -6.81 -3.03 10.00
N ALA C 173 -7.56 -3.57 10.96
CA ALA C 173 -8.83 -4.26 10.70
C ALA C 173 -9.87 -3.32 10.07
N VAL C 174 -9.94 -2.09 10.61
CA VAL C 174 -10.91 -1.11 10.13
C VAL C 174 -10.64 -0.74 8.67
N ASP C 175 -9.35 -0.65 8.28
CA ASP C 175 -8.98 -0.27 6.92
C ASP C 175 -9.46 -1.31 5.93
N SER C 176 -9.45 -2.56 6.37
CA SER C 176 -9.96 -3.66 5.56
C SER C 176 -11.50 -3.68 5.60
N PHE C 177 -12.07 -3.28 6.73
CA PHE C 177 -13.53 -3.28 6.89
C PHE C 177 -14.15 -2.34 5.90
N VAL C 178 -13.72 -1.08 5.91
CA VAL C 178 -14.37 -0.07 5.08
C VAL C 178 -14.27 -0.45 3.60
N ARG C 179 -13.13 -0.96 3.15
CA ARG C 179 -12.96 -1.33 1.73
C ARG C 179 -14.00 -2.34 1.27
N ILE C 180 -14.27 -3.34 2.13
CA ILE C 180 -15.28 -4.35 1.84
C ILE C 180 -16.68 -3.89 2.21
N PHE C 181 -16.79 -3.06 3.25
CA PHE C 181 -18.06 -2.46 3.64
C PHE C 181 -18.73 -1.72 2.50
N SER C 182 -17.95 -1.02 1.68
CA SER C 182 -18.50 -0.30 0.52
C SER C 182 -19.13 -1.21 -0.53
N LYS C 183 -18.74 -2.48 -0.56
CA LYS C 183 -19.36 -3.42 -1.48
C LYS C 183 -20.77 -3.76 -0.99
N ASP C 184 -20.86 -4.30 0.22
CA ASP C 184 -22.13 -4.56 0.85
C ASP C 184 -23.05 -3.32 0.94
N CYS C 185 -22.54 -2.18 1.42
CA CYS C 185 -23.40 -0.99 1.63
C CYS C 185 -23.79 -0.29 0.35
N GLY C 186 -23.27 -0.76 -0.77
CA GLY C 186 -23.57 -0.18 -2.08
C GLY C 186 -24.98 -0.51 -2.50
N ASP C 187 -25.51 -1.65 -2.03
CA ASP C 187 -26.87 -2.03 -2.41
C ASP C 187 -27.96 -1.05 -1.90
N LYS C 188 -27.55 -0.10 -1.05
CA LYS C 188 -28.39 0.97 -0.53
C LYS C 188 -27.75 2.31 -0.88
N LYS C 189 -26.72 2.26 -1.74
CA LYS C 189 -26.07 3.46 -2.29
C LYS C 189 -25.42 4.29 -1.18
N ILE C 190 -25.01 3.59 -0.13
CA ILE C 190 -24.35 4.17 1.03
C ILE C 190 -22.85 4.01 0.84
N THR C 191 -22.10 5.11 0.97
CA THR C 191 -20.66 5.05 0.86
C THR C 191 -20.01 4.86 2.22
N VAL C 192 -18.90 4.12 2.24
CA VAL C 192 -18.20 3.78 3.47
C VAL C 192 -16.72 4.15 3.36
N ASN C 193 -16.23 4.87 4.34
CA ASN C 193 -14.86 5.33 4.36
C ASN C 193 -14.32 5.38 5.79
N ALA C 194 -13.03 5.67 5.90
CA ALA C 194 -12.40 5.83 7.19
C ALA C 194 -11.48 7.01 7.07
N VAL C 195 -11.31 7.69 8.21
CA VAL C 195 -10.28 8.70 8.36
C VAL C 195 -9.20 8.10 9.23
N ALA C 196 -7.95 8.40 8.90
CA ALA C 196 -6.81 7.93 9.65
C ALA C 196 -5.94 9.12 10.01
N PRO C 197 -6.23 9.77 11.16
CA PRO C 197 -5.40 10.88 11.61
C PRO C 197 -4.02 10.44 12.08
N GLY C 198 -3.06 11.36 12.00
CA GLY C 198 -1.81 11.28 12.75
C GLY C 198 -2.01 11.96 14.09
N GLY C 199 -0.96 12.54 14.65
CA GLY C 199 -1.08 13.27 15.91
C GLY C 199 -2.15 14.34 15.88
N THR C 200 -3.14 14.22 16.76
CA THR C 200 -4.24 15.17 16.83
C THR C 200 -4.45 15.61 18.29
N VAL C 201 -4.18 16.88 18.57
CA VAL C 201 -4.18 17.39 19.95
C VAL C 201 -5.51 17.21 20.71
N THR C 202 -5.54 16.22 21.58
CA THR C 202 -6.71 15.85 22.36
C THR C 202 -6.18 15.14 23.59
N ASP C 203 -7.06 14.83 24.54
CA ASP C 203 -6.66 14.11 25.73
C ASP C 203 -5.86 12.86 25.37
N MET C 204 -6.27 12.15 24.32
CA MET C 204 -5.58 10.95 23.90
C MET C 204 -4.14 11.25 23.49
N PHE C 205 -3.97 12.25 22.61
CA PHE C 205 -2.64 12.62 22.14
C PHE C 205 -1.69 12.89 23.30
N HIS C 206 -2.12 13.70 24.26
CA HIS C 206 -1.30 14.09 25.40
C HIS C 206 -0.90 12.93 26.32
N GLU C 207 -1.74 11.91 26.37
CA GLU C 207 -1.50 10.73 27.20
C GLU C 207 -0.36 9.87 26.64
N VAL C 208 -0.19 9.86 25.31
CA VAL C 208 0.77 8.95 24.67
C VAL C 208 1.83 9.61 23.78
N SER C 209 1.87 10.93 23.75
CA SER C 209 2.76 11.65 22.82
C SER C 209 4.27 11.39 22.97
N HIS C 210 4.71 10.86 24.11
CA HIS C 210 6.12 10.55 24.29
C HIS C 210 6.59 9.43 23.36
N HIS C 211 5.73 8.44 23.14
CA HIS C 211 6.03 7.28 22.30
C HIS C 211 6.35 7.66 20.86
N TYR C 212 5.66 8.68 20.35
CA TYR C 212 5.86 9.19 18.99
C TYR C 212 7.24 9.86 18.80
N ILE C 213 8.05 9.90 19.86
CA ILE C 213 9.31 10.62 19.87
C ILE C 213 10.44 9.76 20.51
N PRO C 214 11.61 9.67 19.84
CA PRO C 214 12.79 9.10 20.52
C PRO C 214 13.13 9.85 21.82
N ASN C 215 13.45 9.11 22.89
CA ASN C 215 13.72 9.70 24.22
C ASN C 215 12.65 10.72 24.62
N GLY C 216 11.40 10.44 24.26
CA GLY C 216 10.28 11.37 24.41
C GLY C 216 9.93 11.73 25.84
N THR C 217 10.24 10.83 26.77
CA THR C 217 9.86 11.02 28.17
C THR C 217 10.62 12.17 28.83
N SER C 218 11.72 12.60 28.22
CA SER C 218 12.51 13.72 28.76
C SER C 218 12.20 15.12 28.15
N TYR C 219 10.99 15.27 27.61
CA TYR C 219 10.49 16.56 27.13
C TYR C 219 9.22 16.92 27.89
N THR C 220 9.00 18.22 28.10
CA THR C 220 7.72 18.77 28.56
C THR C 220 6.57 18.16 27.76
N ALA C 221 5.36 18.19 28.32
CA ALA C 221 4.17 17.82 27.54
C ALA C 221 3.99 18.80 26.37
N GLU C 222 4.21 20.08 26.64
CA GLU C 222 4.13 21.15 25.65
C GLU C 222 5.17 20.97 24.54
N GLN C 223 6.41 20.68 24.96
CA GLN C 223 7.51 20.39 24.05
C GLN C 223 7.24 19.16 23.18
N ARG C 224 6.71 18.10 23.78
CA ARG C 224 6.35 16.89 23.04
C ARG C 224 5.37 17.24 21.92
N GLN C 225 4.40 18.10 22.22
CA GLN C 225 3.43 18.56 21.22
C GLN C 225 4.09 19.35 20.07
N GLN C 226 5.07 20.20 20.39
CA GLN C 226 5.77 21.01 19.36
C GLN C 226 6.54 20.14 18.37
N MET C 227 7.20 19.12 18.88
CA MET C 227 7.92 18.16 18.04
C MET C 227 7.02 17.29 17.17
N ALA C 228 5.81 17.03 17.65
CA ALA C 228 4.81 16.35 16.85
C ALA C 228 4.41 17.23 15.68
N ALA C 229 4.50 18.55 15.88
CA ALA C 229 4.18 19.55 14.86
C ALA C 229 5.18 19.58 13.72
N HIS C 230 6.45 19.27 14.03
CA HIS C 230 7.49 19.24 13.00
C HIS C 230 7.42 17.97 12.11
N ALA C 231 6.63 16.98 12.52
CA ALA C 231 6.45 15.76 11.72
C ALA C 231 5.82 16.09 10.36
N SER C 232 4.90 17.06 10.37
CA SER C 232 4.30 17.61 9.18
C SER C 232 5.14 18.74 8.62
N PRO C 233 5.25 18.80 7.29
CA PRO C 233 6.02 19.86 6.64
C PRO C 233 5.28 21.21 6.65
N LEU C 234 4.05 21.20 7.18
CA LEU C 234 3.29 22.44 7.35
C LEU C 234 3.58 23.07 8.71
N HIS C 235 4.36 22.34 9.51
CA HIS C 235 4.85 22.79 10.82
C HIS C 235 3.75 23.29 11.78
N ARG C 236 2.74 22.44 11.94
CA ARG C 236 1.65 22.63 12.91
C ARG C 236 1.08 21.27 13.30
N ASN C 237 0.30 21.24 14.37
CA ASN C 237 -0.29 20.00 14.84
C ASN C 237 -1.57 19.67 14.08
N GLY C 238 -1.86 18.38 13.94
CA GLY C 238 -3.20 17.95 13.58
C GLY C 238 -4.15 18.40 14.68
N TRP C 239 -5.29 18.98 14.29
CA TRP C 239 -6.34 19.38 15.23
C TRP C 239 -7.65 18.64 15.00
N PRO C 240 -8.55 18.61 16.01
CA PRO C 240 -9.83 17.93 15.73
C PRO C 240 -10.62 18.52 14.54
N GLN C 241 -10.56 19.85 14.37
CA GLN C 241 -11.22 20.51 13.23
C GLN C 241 -10.68 20.05 11.86
N ASP C 242 -9.42 19.60 11.81
CA ASP C 242 -8.82 19.06 10.57
C ASP C 242 -9.52 17.76 10.19
N VAL C 243 -9.71 16.88 11.17
CA VAL C 243 -10.48 15.65 10.96
C VAL C 243 -11.92 15.99 10.61
N ALA C 244 -12.51 16.94 11.34
CA ALA C 244 -13.88 17.39 11.06
C ALA C 244 -14.07 17.92 9.63
N ASN C 245 -13.12 18.72 9.14
CA ASN C 245 -13.17 19.26 7.79
C ASN C 245 -13.28 18.13 6.74
N VAL C 246 -12.50 17.07 6.93
CA VAL C 246 -12.49 15.95 5.99
C VAL C 246 -13.77 15.10 6.09
N VAL C 247 -14.18 14.77 7.31
CA VAL C 247 -15.44 14.07 7.51
C VAL C 247 -16.59 14.84 6.84
N GLY C 248 -16.66 16.14 7.12
CA GLY C 248 -17.66 17.02 6.52
C GLY C 248 -17.82 16.78 5.02
N PHE C 249 -16.71 16.86 4.29
CA PHE C 249 -16.73 16.65 2.85
C PHE C 249 -17.09 15.20 2.47
N LEU C 250 -16.50 14.21 3.15
CA LEU C 250 -16.78 12.82 2.85
C LEU C 250 -18.29 12.50 2.95
N VAL C 251 -18.96 13.04 3.97
CA VAL C 251 -20.39 12.77 4.16
C VAL C 251 -21.32 13.69 3.33
N SER C 252 -20.73 14.57 2.51
CA SER C 252 -21.51 15.42 1.60
C SER C 252 -21.91 14.71 0.31
N LYS C 253 -22.80 15.32 -0.48
CA LYS C 253 -23.12 14.80 -1.81
C LYS C 253 -21.87 14.82 -2.71
N GLU C 254 -21.05 15.85 -2.56
CA GLU C 254 -19.85 16.07 -3.37
C GLU C 254 -18.75 15.01 -3.11
N GLY C 255 -18.87 14.24 -2.04
CA GLY C 255 -17.83 13.28 -1.66
C GLY C 255 -18.18 11.85 -2.00
N GLU C 256 -19.30 11.67 -2.72
CA GLU C 256 -19.83 10.36 -3.11
C GLU C 256 -18.78 9.46 -3.73
N TRP C 257 -17.96 10.03 -4.61
CA TRP C 257 -17.04 9.22 -5.40
C TRP C 257 -15.78 8.76 -4.67
N VAL C 258 -15.53 9.32 -3.49
CA VAL C 258 -14.59 8.72 -2.54
C VAL C 258 -15.36 7.67 -1.76
N ASN C 259 -15.10 6.40 -2.07
CA ASN C 259 -15.82 5.28 -1.47
C ASN C 259 -14.88 4.10 -1.25
N GLY C 260 -15.09 3.34 -0.19
CA GLY C 260 -14.19 2.24 0.16
C GLY C 260 -12.73 2.59 0.51
N LYS C 261 -12.43 3.88 0.70
CA LYS C 261 -11.07 4.33 0.94
C LYS C 261 -10.78 4.79 2.37
N VAL C 262 -9.51 4.75 2.74
CA VAL C 262 -9.04 5.29 4.01
C VAL C 262 -8.15 6.50 3.74
N LEU C 263 -8.55 7.64 4.30
CA LEU C 263 -7.79 8.88 4.11
C LEU C 263 -6.94 9.16 5.34
N THR C 264 -5.64 9.33 5.09
CA THR C 264 -4.65 9.59 6.13
C THR C 264 -4.54 11.10 6.36
N LEU C 265 -4.81 11.52 7.59
CA LEU C 265 -4.86 12.95 7.92
C LEU C 265 -3.75 13.38 8.90
N ASP C 266 -2.59 13.70 8.34
CA ASP C 266 -1.37 13.91 9.12
C ASP C 266 -0.56 15.08 8.63
N GLY C 267 -1.15 15.86 7.72
CA GLY C 267 -0.57 17.11 7.22
C GLY C 267 0.63 16.86 6.34
N GLY C 268 0.83 15.60 5.98
CA GLY C 268 1.92 15.21 5.08
C GLY C 268 3.16 14.70 5.78
N ALA C 269 2.98 14.13 6.97
CA ALA C 269 4.11 13.62 7.73
C ALA C 269 4.62 12.32 7.12
N ALA C 270 3.67 11.47 6.71
CA ALA C 270 3.97 10.17 6.09
C ALA C 270 4.82 10.31 4.83
N THR D 10 27.69 -28.08 -4.45
CA THR D 10 28.59 -27.59 -3.36
C THR D 10 27.82 -26.76 -2.31
N TYR D 11 27.36 -25.56 -2.67
CA TYR D 11 26.62 -24.70 -1.72
C TYR D 11 25.09 -24.93 -1.72
N ILE D 12 24.59 -25.38 -0.58
CA ILE D 12 23.14 -25.63 -0.41
C ILE D 12 22.51 -24.51 0.45
N PRO D 13 21.51 -23.78 -0.11
CA PRO D 13 20.85 -22.66 0.58
C PRO D 13 19.51 -22.97 1.28
N GLY D 14 19.18 -22.12 2.25
CA GLY D 14 17.88 -22.15 2.92
C GLY D 14 17.69 -23.30 3.90
N ARG D 15 18.78 -23.90 4.36
CA ARG D 15 18.68 -25.04 5.25
C ARG D 15 18.34 -24.63 6.68
N LEU D 16 17.79 -25.57 7.43
CA LEU D 16 17.35 -25.35 8.80
C LEU D 16 17.82 -26.51 9.67
N ASP D 17 19.00 -27.06 9.33
CA ASP D 17 19.59 -28.14 10.10
C ASP D 17 19.85 -27.62 11.52
N GLY D 18 19.32 -28.35 12.50
CA GLY D 18 19.50 -28.00 13.90
C GLY D 18 18.61 -26.90 14.43
N LYS D 19 17.60 -26.51 13.67
CA LYS D 19 16.56 -25.61 14.16
C LYS D 19 15.33 -26.38 14.64
N VAL D 20 14.51 -25.72 15.45
CA VAL D 20 13.24 -26.31 15.89
C VAL D 20 12.10 -25.37 15.49
N ALA D 21 11.06 -25.94 14.91
CA ALA D 21 9.93 -25.16 14.46
C ALA D 21 8.61 -25.63 15.08
N LEU D 22 7.67 -24.69 15.17
CA LEU D 22 6.29 -25.00 15.53
C LEU D 22 5.34 -24.38 14.49
N VAL D 23 4.34 -25.15 14.07
CA VAL D 23 3.35 -24.69 13.11
C VAL D 23 1.97 -24.95 13.73
N THR D 24 1.21 -23.88 13.99
CA THR D 24 -0.16 -24.04 14.48
C THR D 24 -1.06 -24.62 13.38
N GLY D 25 -1.96 -25.52 13.76
CA GLY D 25 -2.92 -26.10 12.82
C GLY D 25 -2.25 -26.77 11.65
N SER D 26 -1.23 -27.60 11.94
CA SER D 26 -0.42 -28.22 10.91
C SER D 26 -0.79 -29.66 10.61
N GLY D 27 -1.97 -30.09 11.09
CA GLY D 27 -2.49 -31.40 10.75
C GLY D 27 -2.90 -31.49 9.29
N ARG D 28 -3.48 -30.41 8.77
CA ARG D 28 -3.98 -30.38 7.40
C ARG D 28 -3.79 -29.03 6.72
N GLY D 29 -4.14 -28.98 5.44
CA GLY D 29 -4.13 -27.75 4.67
C GLY D 29 -2.73 -27.22 4.49
N ILE D 30 -2.62 -25.90 4.33
CA ILE D 30 -1.35 -25.21 4.16
C ILE D 30 -0.38 -25.58 5.27
N GLY D 31 -0.88 -25.61 6.50
CA GLY D 31 -0.07 -25.89 7.68
C GLY D 31 0.61 -27.24 7.66
N ALA D 32 -0.01 -28.24 7.03
CA ALA D 32 0.62 -29.56 6.97
C ALA D 32 1.85 -29.52 6.07
N ALA D 33 1.68 -28.93 4.89
CA ALA D 33 2.76 -28.80 3.91
C ALA D 33 3.89 -27.93 4.43
N VAL D 34 3.54 -26.88 5.17
CA VAL D 34 4.54 -26.05 5.85
C VAL D 34 5.32 -26.84 6.90
N ALA D 35 4.63 -27.63 7.71
CA ALA D 35 5.29 -28.48 8.71
C ALA D 35 6.24 -29.49 8.04
N VAL D 36 5.80 -30.10 6.96
CA VAL D 36 6.59 -31.09 6.24
C VAL D 36 7.80 -30.45 5.58
N HIS D 37 7.60 -29.22 5.08
CA HIS D 37 8.65 -28.52 4.33
C HIS D 37 9.79 -28.05 5.22
N LEU D 38 9.46 -27.57 6.43
CA LEU D 38 10.48 -27.25 7.42
C LEU D 38 11.23 -28.52 7.84
N GLY D 39 10.51 -29.64 7.91
CA GLY D 39 11.12 -30.94 8.16
C GLY D 39 12.08 -31.40 7.07
N ARG D 40 11.68 -31.22 5.81
CA ARG D 40 12.56 -31.58 4.70
C ARG D 40 13.83 -30.71 4.68
N LEU D 41 13.69 -29.43 5.05
CA LEU D 41 14.83 -28.49 5.07
C LEU D 41 15.74 -28.68 6.27
N GLY D 42 15.45 -29.70 7.10
CA GLY D 42 16.34 -30.08 8.19
C GLY D 42 15.87 -29.83 9.63
N ALA D 43 14.80 -29.06 9.80
CA ALA D 43 14.25 -28.75 11.13
C ALA D 43 13.51 -29.91 11.80
N LYS D 44 13.46 -29.85 13.13
CA LYS D 44 12.56 -30.69 13.93
C LYS D 44 11.28 -29.86 14.14
N VAL D 45 10.11 -30.52 14.13
CA VAL D 45 8.82 -29.81 14.03
C VAL D 45 7.80 -30.19 15.09
N VAL D 46 7.14 -29.17 15.65
CA VAL D 46 6.03 -29.37 16.55
C VAL D 46 4.74 -29.20 15.74
N VAL D 47 3.99 -30.29 15.59
CA VAL D 47 2.76 -30.29 14.80
C VAL D 47 1.57 -30.03 15.71
N ASN D 48 1.16 -28.77 15.76
CA ASN D 48 0.00 -28.41 16.55
C ASN D 48 -1.31 -28.64 15.79
N TYR D 49 -2.24 -29.33 16.43
CA TYR D 49 -3.59 -29.52 15.89
C TYR D 49 -4.59 -29.17 16.97
N ALA D 50 -5.86 -29.05 16.61
CA ALA D 50 -6.90 -28.77 17.63
C ALA D 50 -7.96 -29.87 17.78
N ASN D 51 -8.29 -30.57 16.69
CA ASN D 51 -9.28 -31.66 16.72
C ASN D 51 -8.81 -32.90 15.94
N SER D 52 -8.29 -32.69 14.73
CA SER D 52 -7.90 -33.78 13.84
C SER D 52 -6.56 -34.44 14.23
N THR D 53 -6.66 -35.36 15.18
CA THR D 53 -5.55 -36.16 15.68
C THR D 53 -4.97 -37.04 14.60
N LYS D 54 -5.84 -37.66 13.82
CA LYS D 54 -5.39 -38.64 12.84
C LYS D 54 -4.52 -38.00 11.75
N ASP D 55 -4.92 -36.82 11.27
CA ASP D 55 -4.12 -36.10 10.25
C ASP D 55 -2.81 -35.55 10.78
N ALA D 56 -2.82 -35.02 12.01
CA ALA D 56 -1.59 -34.57 12.67
C ALA D 56 -0.60 -35.71 12.87
N GLU D 57 -1.12 -36.90 13.19
CA GLU D 57 -0.29 -38.09 13.32
C GLU D 57 0.28 -38.50 11.95
N LYS D 58 -0.45 -38.19 10.89
CA LYS D 58 0.06 -38.44 9.54
C LYS D 58 1.22 -37.49 9.18
N VAL D 59 1.20 -36.27 9.69
CA VAL D 59 2.26 -35.30 9.37
C VAL D 59 3.53 -35.63 10.13
N VAL D 60 3.40 -35.96 11.41
CA VAL D 60 4.52 -36.40 12.22
C VAL D 60 5.27 -37.54 11.50
N SER D 61 4.53 -38.55 11.06
CA SER D 61 5.11 -39.73 10.40
C SER D 61 5.88 -39.39 9.14
N GLU D 62 5.32 -38.48 8.34
CA GLU D 62 5.94 -38.06 7.09
C GLU D 62 7.26 -37.30 7.31
N ILE D 63 7.31 -36.52 8.38
CA ILE D 63 8.52 -35.78 8.72
C ILE D 63 9.59 -36.76 9.20
N LYS D 64 9.19 -37.73 10.03
CA LYS D 64 10.12 -38.77 10.46
C LYS D 64 10.66 -39.58 9.29
N ALA D 65 9.79 -39.90 8.34
CA ALA D 65 10.18 -40.74 7.21
C ALA D 65 11.20 -40.07 6.29
N LEU D 66 11.20 -38.73 6.24
CA LEU D 66 12.16 -38.02 5.40
C LEU D 66 13.48 -37.72 6.12
N GLY D 67 13.55 -38.07 7.40
CA GLY D 67 14.83 -38.05 8.14
C GLY D 67 14.99 -37.03 9.26
N SER D 68 13.92 -36.30 9.55
CA SER D 68 13.86 -35.40 10.70
C SER D 68 13.00 -36.02 11.83
N ASP D 69 12.49 -35.18 12.74
CA ASP D 69 11.73 -35.63 13.92
C ASP D 69 10.58 -34.66 14.20
N ALA D 70 9.48 -35.17 14.75
CA ALA D 70 8.33 -34.32 15.05
C ALA D 70 7.53 -34.83 16.23
N ILE D 71 6.87 -33.91 16.93
CA ILE D 71 5.86 -34.31 17.90
C ILE D 71 4.53 -33.57 17.61
N ALA D 72 3.41 -34.22 17.97
CA ALA D 72 2.08 -33.65 17.79
C ALA D 72 1.49 -33.18 19.10
N ILE D 73 1.22 -31.88 19.20
CA ILE D 73 0.65 -31.31 20.43
C ILE D 73 -0.72 -30.64 20.20
N LYS D 74 -1.75 -31.26 20.77
CA LYS D 74 -3.10 -30.73 20.70
C LYS D 74 -3.20 -29.49 21.58
N ALA D 75 -3.75 -28.43 21.03
CA ALA D 75 -3.92 -27.17 21.76
C ALA D 75 -4.87 -26.31 20.96
N ASP D 76 -5.77 -25.62 21.65
CA ASP D 76 -6.81 -24.81 21.03
C ASP D 76 -6.40 -23.34 20.99
N ILE D 77 -5.92 -22.88 19.85
CA ILE D 77 -5.32 -21.54 19.76
C ILE D 77 -6.23 -20.40 20.27
N ARG D 78 -7.54 -20.64 20.36
CA ARG D 78 -8.47 -19.64 20.89
C ARG D 78 -8.27 -19.30 22.36
N GLN D 79 -7.68 -20.24 23.10
CA GLN D 79 -7.47 -20.11 24.54
C GLN D 79 -6.03 -19.76 24.78
N VAL D 80 -5.79 -18.55 25.29
CA VAL D 80 -4.42 -18.10 25.52
C VAL D 80 -3.71 -19.01 26.53
N PRO D 81 -4.37 -19.37 27.65
CA PRO D 81 -3.68 -20.31 28.55
C PRO D 81 -3.25 -21.60 27.84
N GLU D 82 -3.98 -22.01 26.80
CA GLU D 82 -3.59 -23.18 25.99
C GLU D 82 -2.46 -22.92 24.98
N ILE D 83 -2.31 -21.67 24.53
CA ILE D 83 -1.14 -21.30 23.73
C ILE D 83 0.12 -21.40 24.58
N VAL D 84 0.03 -20.91 25.82
CA VAL D 84 1.15 -20.88 26.75
C VAL D 84 1.68 -22.29 26.98
N LYS D 85 0.76 -23.22 27.22
CA LYS D 85 1.08 -24.63 27.47
C LYS D 85 1.70 -25.31 26.26
N LEU D 86 1.11 -25.08 25.09
CA LEU D 86 1.66 -25.57 23.82
C LEU D 86 3.13 -25.20 23.64
N PHE D 87 3.45 -23.91 23.83
CA PHE D 87 4.83 -23.43 23.76
C PHE D 87 5.75 -23.96 24.87
N ASP D 88 5.26 -24.03 26.11
CA ASP D 88 6.02 -24.63 27.18
C ASP D 88 6.37 -26.10 26.88
N GLN D 89 5.40 -26.83 26.34
CA GLN D 89 5.57 -28.25 26.06
C GLN D 89 6.56 -28.50 24.91
N ALA D 90 6.58 -27.58 23.95
CA ALA D 90 7.51 -27.62 22.81
C ALA D 90 8.95 -27.38 23.22
N VAL D 91 9.18 -26.32 24.01
CA VAL D 91 10.50 -26.04 24.58
C VAL D 91 10.96 -27.22 25.42
N ALA D 92 10.07 -27.75 26.26
CA ALA D 92 10.40 -28.89 27.12
C ALA D 92 10.79 -30.17 26.37
N HIS D 93 10.15 -30.41 25.22
CA HIS D 93 10.39 -31.63 24.44
C HIS D 93 11.68 -31.60 23.60
N PHE D 94 11.93 -30.47 22.96
CA PHE D 94 13.06 -30.36 22.05
C PHE D 94 14.24 -29.53 22.57
N GLY D 95 14.08 -28.93 23.76
CA GLY D 95 15.15 -28.13 24.35
C GLY D 95 15.03 -26.64 24.09
N HIS D 96 14.65 -26.29 22.85
CA HIS D 96 14.56 -24.90 22.39
C HIS D 96 13.63 -24.79 21.18
N LEU D 97 13.21 -23.57 20.87
CA LEU D 97 12.38 -23.32 19.69
C LEU D 97 12.91 -22.11 18.95
N ASP D 98 13.11 -22.28 17.64
CA ASP D 98 13.75 -21.24 16.83
C ASP D 98 12.78 -20.58 15.87
N ILE D 99 11.68 -21.28 15.57
CA ILE D 99 10.79 -20.89 14.49
C ILE D 99 9.36 -21.15 14.90
N ALA D 100 8.52 -20.14 14.72
CA ALA D 100 7.10 -20.26 14.99
C ALA D 100 6.31 -19.75 13.79
N VAL D 101 5.47 -20.62 13.24
CA VAL D 101 4.59 -20.28 12.14
C VAL D 101 3.17 -20.36 12.68
N SER D 102 2.49 -19.21 12.69
CA SER D 102 1.10 -19.12 13.09
C SER D 102 0.26 -19.26 11.83
N ASN D 103 -0.55 -20.32 11.78
CA ASN D 103 -1.24 -20.67 10.57
C ASN D 103 -2.74 -20.93 10.76
N SER D 104 -3.14 -21.45 11.90
CA SER D 104 -4.55 -21.77 12.17
C SER D 104 -5.48 -20.58 11.92
N GLY D 105 -6.49 -20.81 11.09
CA GLY D 105 -7.46 -19.77 10.73
C GLY D 105 -8.76 -20.36 10.24
N VAL D 106 -9.82 -19.55 10.32
CA VAL D 106 -11.11 -19.91 9.72
C VAL D 106 -11.61 -18.81 8.78
N VAL D 107 -12.33 -19.25 7.74
CA VAL D 107 -12.94 -18.38 6.73
C VAL D 107 -14.41 -18.07 7.07
N SER D 108 -14.91 -16.93 6.55
CA SER D 108 -16.31 -16.51 6.77
C SER D 108 -16.87 -15.65 5.63
N PHE D 109 -18.18 -15.72 5.45
CA PHE D 109 -18.88 -14.96 4.43
C PHE D 109 -20.23 -14.50 4.94
N GLY D 110 -20.58 -13.26 4.60
CA GLY D 110 -21.86 -12.68 5.01
C GLY D 110 -21.87 -11.19 4.80
N HIS D 111 -23.00 -10.69 4.30
CA HIS D 111 -23.24 -9.27 4.20
C HIS D 111 -23.13 -8.68 5.61
N LEU D 112 -22.46 -7.53 5.71
CA LEU D 112 -22.34 -6.76 6.94
C LEU D 112 -23.61 -6.74 7.80
N LYS D 113 -24.76 -6.55 7.14
CA LYS D 113 -26.06 -6.42 7.82
C LYS D 113 -26.48 -7.67 8.58
N ASP D 114 -25.91 -8.81 8.19
CA ASP D 114 -26.31 -10.11 8.74
C ASP D 114 -25.30 -10.71 9.74
N VAL D 115 -24.15 -10.08 9.91
CA VAL D 115 -23.09 -10.65 10.75
C VAL D 115 -23.44 -10.55 12.25
N THR D 116 -23.35 -11.70 12.93
CA THR D 116 -23.72 -11.79 14.33
C THR D 116 -22.52 -11.52 15.20
N GLU D 117 -22.76 -11.19 16.47
CA GLU D 117 -21.70 -11.10 17.46
C GLU D 117 -20.95 -12.43 17.53
N GLU D 118 -21.68 -13.56 17.51
CA GLU D 118 -21.07 -14.88 17.58
C GLU D 118 -20.16 -15.19 16.39
N GLU D 119 -20.59 -14.85 15.17
CA GLU D 119 -19.75 -15.07 13.99
C GLU D 119 -18.56 -14.10 13.95
N PHE D 120 -18.72 -12.90 14.49
CA PHE D 120 -17.58 -12.01 14.64
C PHE D 120 -16.55 -12.60 15.60
N ASP D 121 -17.02 -13.07 16.76
CA ASP D 121 -16.13 -13.64 17.76
C ASP D 121 -15.49 -14.97 17.33
N ARG D 122 -16.27 -15.83 16.69
CA ARG D 122 -15.75 -17.07 16.13
C ARG D 122 -14.51 -16.80 15.28
N VAL D 123 -14.57 -15.76 14.47
CA VAL D 123 -13.50 -15.44 13.52
C VAL D 123 -12.36 -14.67 14.15
N PHE D 124 -12.65 -13.63 14.94
CA PHE D 124 -11.58 -12.86 15.58
C PHE D 124 -10.81 -13.61 16.68
N SER D 125 -11.52 -14.45 17.42
CA SER D 125 -10.87 -15.27 18.45
C SER D 125 -9.70 -16.07 17.88
N LEU D 126 -9.86 -16.61 16.67
CA LEU D 126 -8.78 -17.42 16.07
C LEU D 126 -7.85 -16.67 15.14
N ASN D 127 -8.45 -15.97 14.17
CA ASN D 127 -7.69 -15.35 13.11
C ASN D 127 -6.86 -14.16 13.59
N THR D 128 -7.33 -13.49 14.64
CA THR D 128 -6.72 -12.21 15.02
C THR D 128 -6.20 -12.22 16.46
N ARG D 129 -7.06 -12.58 17.40
CA ARG D 129 -6.68 -12.62 18.80
C ARG D 129 -5.75 -13.80 19.03
N GLY D 130 -6.11 -14.95 18.46
CA GLY D 130 -5.33 -16.19 18.58
C GLY D 130 -3.93 -16.02 18.03
N GLN D 131 -3.84 -15.46 16.83
CA GLN D 131 -2.53 -15.17 16.21
C GLN D 131 -1.70 -14.13 17.02
N PHE D 132 -2.38 -13.12 17.56
CA PHE D 132 -1.69 -12.14 18.42
C PHE D 132 -0.96 -12.85 19.57
N PHE D 133 -1.66 -13.67 20.36
CA PHE D 133 -1.02 -14.32 21.52
C PHE D 133 -0.09 -15.51 21.19
N VAL D 134 -0.23 -16.08 20.00
CA VAL D 134 0.77 -17.01 19.44
C VAL D 134 2.09 -16.27 19.25
N ALA D 135 2.03 -15.06 18.67
CA ALA D 135 3.24 -14.26 18.53
C ALA D 135 3.76 -13.81 19.90
N ARG D 136 2.87 -13.47 20.84
CA ARG D 136 3.34 -13.14 22.19
C ARG D 136 4.15 -14.28 22.77
N GLU D 137 3.56 -15.48 22.81
CA GLU D 137 4.24 -16.66 23.33
C GLU D 137 5.52 -17.04 22.57
N ALA D 138 5.56 -16.78 21.27
CA ALA D 138 6.74 -17.09 20.47
C ALA D 138 7.92 -16.21 20.86
N TYR D 139 7.69 -14.90 20.97
CA TYR D 139 8.74 -14.01 21.44
C TYR D 139 9.29 -14.49 22.75
N ARG D 140 8.38 -14.90 23.63
CA ARG D 140 8.76 -15.29 24.98
C ARG D 140 9.69 -16.53 25.01
N HIS D 141 9.45 -17.51 24.14
CA HIS D 141 10.16 -18.81 24.19
C HIS D 141 11.28 -18.96 23.17
N LEU D 142 11.27 -18.13 22.12
CA LEU D 142 12.24 -18.29 21.04
C LEU D 142 13.67 -17.92 21.44
N THR D 143 14.64 -18.58 20.79
CA THR D 143 16.05 -18.22 20.89
C THR D 143 16.34 -16.92 20.12
N GLU D 144 17.37 -16.17 20.54
CA GLU D 144 17.86 -15.03 19.75
C GLU D 144 18.11 -15.48 18.30
N GLY D 145 17.67 -14.66 17.34
CA GLY D 145 17.89 -14.95 15.92
C GLY D 145 16.81 -15.80 15.29
N GLY D 146 15.77 -16.09 16.06
CA GLY D 146 14.62 -16.85 15.59
C GLY D 146 13.71 -16.11 14.63
N ARG D 147 12.58 -16.78 14.31
CA ARG D 147 11.70 -16.38 13.23
C ARG D 147 10.24 -16.59 13.60
N ILE D 148 9.41 -15.59 13.32
CA ILE D 148 7.96 -15.69 13.50
C ILE D 148 7.29 -15.39 12.16
N VAL D 149 6.33 -16.23 11.78
CA VAL D 149 5.55 -16.02 10.57
C VAL D 149 4.06 -16.15 10.88
N LEU D 150 3.27 -15.12 10.55
CA LEU D 150 1.82 -15.17 10.72
C LEU D 150 1.15 -15.40 9.38
N THR D 151 -0.10 -15.86 9.40
CA THR D 151 -0.85 -15.99 8.16
C THR D 151 -1.96 -14.93 7.99
N SER D 152 -1.77 -14.10 6.97
CA SER D 152 -2.77 -13.14 6.51
C SER D 152 -3.51 -13.77 5.31
N SER D 153 -3.89 -12.95 4.32
CA SER D 153 -4.65 -13.41 3.17
C SER D 153 -4.67 -12.34 2.09
N ASN D 154 -4.78 -12.75 0.84
CA ASN D 154 -4.79 -11.79 -0.26
C ASN D 154 -6.02 -10.87 -0.20
N THR D 155 -7.04 -11.28 0.56
CA THR D 155 -8.26 -10.50 0.69
C THR D 155 -8.16 -9.41 1.75
N SER D 156 -7.06 -9.42 2.49
CA SER D 156 -6.75 -8.35 3.44
C SER D 156 -6.63 -6.95 2.77
N LYS D 157 -5.80 -6.85 1.73
CA LYS D 157 -5.55 -5.57 1.07
C LYS D 157 -5.69 -5.60 -0.43
N ASP D 158 -5.27 -6.71 -1.04
CA ASP D 158 -5.10 -6.76 -2.50
C ASP D 158 -6.34 -7.16 -3.27
N PHE D 159 -7.24 -7.89 -2.62
CA PHE D 159 -8.40 -8.49 -3.29
C PHE D 159 -9.69 -8.16 -2.54
N SER D 160 -10.67 -7.59 -3.22
CA SER D 160 -11.89 -7.13 -2.58
C SER D 160 -13.09 -8.00 -2.95
N VAL D 161 -13.54 -8.83 -2.03
CA VAL D 161 -14.69 -9.72 -2.29
C VAL D 161 -15.91 -9.20 -1.53
N PRO D 162 -17.07 -9.12 -2.20
CA PRO D 162 -18.26 -8.76 -1.46
C PRO D 162 -18.57 -9.82 -0.39
N LYS D 163 -19.20 -9.40 0.71
CA LYS D 163 -19.62 -10.29 1.81
C LYS D 163 -18.45 -10.90 2.57
N HIS D 164 -17.29 -10.26 2.48
CA HIS D 164 -16.07 -10.81 3.03
C HIS D 164 -15.40 -9.87 4.03
N SER D 165 -16.18 -8.97 4.64
CA SER D 165 -15.61 -7.90 5.45
C SER D 165 -14.98 -8.44 6.73
N LEU D 166 -15.73 -9.27 7.45
CA LEU D 166 -15.27 -9.89 8.69
C LEU D 166 -13.94 -10.62 8.58
N TYR D 167 -13.80 -11.51 7.60
CA TYR D 167 -12.54 -12.24 7.43
C TYR D 167 -11.41 -11.34 6.95
N SER D 168 -11.74 -10.38 6.07
CA SER D 168 -10.76 -9.43 5.55
C SER D 168 -10.14 -8.60 6.69
N GLY D 169 -10.99 -7.93 7.46
CA GLY D 169 -10.57 -7.27 8.70
C GLY D 169 -9.69 -8.11 9.63
N SER D 170 -10.04 -9.38 9.81
CA SER D 170 -9.27 -10.27 10.69
C SER D 170 -7.84 -10.43 10.25
N LYS D 171 -7.64 -10.55 8.95
CA LYS D 171 -6.31 -10.64 8.35
C LYS D 171 -5.70 -9.25 8.19
N GLY D 172 -6.54 -8.23 8.11
CA GLY D 172 -6.08 -6.87 8.03
C GLY D 172 -5.40 -6.43 9.31
N ALA D 173 -5.78 -7.02 10.43
CA ALA D 173 -5.17 -6.66 11.69
C ALA D 173 -3.81 -7.34 11.79
N VAL D 174 -3.67 -8.51 11.15
CA VAL D 174 -2.41 -9.26 11.19
C VAL D 174 -1.32 -8.53 10.40
N ASP D 175 -1.70 -7.91 9.28
CA ASP D 175 -0.80 -7.07 8.48
C ASP D 175 -0.18 -5.98 9.33
N SER D 176 -0.99 -5.33 10.15
CA SER D 176 -0.47 -4.31 11.05
C SER D 176 0.36 -4.95 12.15
N PHE D 177 -0.12 -6.04 12.74
CA PHE D 177 0.60 -6.67 13.86
C PHE D 177 2.06 -6.87 13.47
N VAL D 178 2.29 -7.58 12.35
CA VAL D 178 3.64 -8.01 11.99
C VAL D 178 4.64 -6.84 11.83
N ARG D 179 4.18 -5.72 11.26
CA ARG D 179 5.05 -4.57 11.01
C ARG D 179 5.55 -3.99 12.34
N ILE D 180 4.68 -3.99 13.35
CA ILE D 180 5.07 -3.47 14.64
C ILE D 180 5.71 -4.54 15.51
N PHE D 181 5.24 -5.78 15.41
CA PHE D 181 5.92 -6.90 16.06
C PHE D 181 7.42 -6.92 15.79
N SER D 182 7.80 -6.72 14.52
CA SER D 182 9.22 -6.71 14.12
C SER D 182 10.03 -5.67 14.91
N LYS D 183 9.38 -4.58 15.29
CA LYS D 183 10.04 -3.57 16.12
C LYS D 183 10.34 -4.12 17.51
N ASP D 184 9.29 -4.63 18.19
CA ASP D 184 9.43 -5.25 19.50
C ASP D 184 10.39 -6.46 19.51
N CYS D 185 10.27 -7.34 18.52
CA CYS D 185 10.94 -8.63 18.54
C CYS D 185 12.41 -8.54 18.16
N GLY D 186 12.82 -7.36 17.70
CA GLY D 186 14.20 -7.10 17.29
C GLY D 186 15.16 -7.21 18.45
N ASP D 187 14.69 -6.90 19.67
CA ASP D 187 15.57 -6.94 20.83
C ASP D 187 16.01 -8.36 21.20
N LYS D 188 15.45 -9.35 20.51
CA LYS D 188 15.94 -10.71 20.56
C LYS D 188 16.39 -11.18 19.16
N LYS D 189 16.59 -10.20 18.28
CA LYS D 189 16.99 -10.42 16.88
C LYS D 189 16.11 -11.42 16.11
N ILE D 190 14.81 -11.38 16.40
CA ILE D 190 13.81 -12.24 15.77
C ILE D 190 13.08 -11.45 14.67
N THR D 191 13.05 -11.97 13.44
CA THR D 191 12.24 -11.38 12.37
C THR D 191 10.78 -11.82 12.50
N VAL D 192 9.88 -10.90 12.13
CA VAL D 192 8.44 -11.16 12.16
C VAL D 192 7.85 -10.79 10.80
N ASN D 193 7.27 -11.77 10.14
CA ASN D 193 6.68 -11.57 8.83
C ASN D 193 5.31 -12.24 8.72
N ALA D 194 4.61 -11.98 7.62
CA ALA D 194 3.39 -12.71 7.34
C ALA D 194 3.32 -13.13 5.88
N VAL D 195 2.63 -14.24 5.62
CA VAL D 195 2.30 -14.62 4.26
C VAL D 195 0.81 -14.40 4.02
N ALA D 196 0.51 -13.82 2.87
CA ALA D 196 -0.85 -13.53 2.49
C ALA D 196 -1.14 -14.37 1.24
N PRO D 197 -1.59 -15.62 1.45
CA PRO D 197 -1.88 -16.49 0.30
C PRO D 197 -3.09 -16.00 -0.49
N GLY D 198 -3.09 -16.32 -1.79
CA GLY D 198 -4.27 -16.19 -2.62
C GLY D 198 -4.98 -17.53 -2.53
N GLY D 199 -5.86 -17.80 -3.51
CA GLY D 199 -6.53 -19.09 -3.60
C GLY D 199 -5.52 -20.23 -3.59
N THR D 200 -5.58 -21.04 -2.53
CA THR D 200 -4.69 -22.18 -2.35
C THR D 200 -5.59 -23.37 -2.07
N VAL D 201 -5.37 -24.44 -2.83
CA VAL D 201 -6.29 -25.57 -2.89
C VAL D 201 -6.26 -26.43 -1.61
N THR D 202 -7.21 -26.17 -0.72
CA THR D 202 -7.33 -26.94 0.51
C THR D 202 -8.80 -27.23 0.79
N ASP D 203 -9.11 -27.72 2.00
CA ASP D 203 -10.51 -27.95 2.40
C ASP D 203 -11.27 -26.62 2.50
N MET D 204 -10.58 -25.56 2.97
CA MET D 204 -11.13 -24.21 3.07
C MET D 204 -11.57 -23.73 1.69
N PHE D 205 -10.63 -23.79 0.75
CA PHE D 205 -10.87 -23.42 -0.65
C PHE D 205 -12.16 -24.00 -1.22
N HIS D 206 -12.28 -25.33 -1.20
CA HIS D 206 -13.44 -26.02 -1.82
C HIS D 206 -14.77 -25.68 -1.15
N GLU D 207 -14.74 -25.45 0.17
CA GLU D 207 -15.93 -25.11 0.95
C GLU D 207 -16.48 -23.74 0.55
N VAL D 208 -15.60 -22.81 0.23
CA VAL D 208 -16.04 -21.43 -0.04
C VAL D 208 -15.69 -20.87 -1.41
N SER D 209 -15.20 -21.71 -2.34
CA SER D 209 -14.78 -21.24 -3.66
C SER D 209 -15.84 -20.48 -4.44
N HIS D 210 -17.10 -20.87 -4.25
CA HIS D 210 -18.23 -20.25 -4.96
C HIS D 210 -18.57 -18.84 -4.48
N HIS D 211 -17.91 -18.36 -3.43
CA HIS D 211 -18.16 -17.01 -2.92
C HIS D 211 -17.33 -15.98 -3.69
N TYR D 212 -16.34 -16.45 -4.44
CA TYR D 212 -15.36 -15.61 -5.15
C TYR D 212 -15.71 -15.43 -6.63
N ILE D 213 -16.74 -16.16 -7.09
CA ILE D 213 -17.16 -16.13 -8.48
C ILE D 213 -18.64 -15.72 -8.59
N PRO D 214 -18.96 -14.74 -9.47
CA PRO D 214 -20.38 -14.40 -9.76
C PRO D 214 -21.16 -15.61 -10.27
N ASN D 215 -22.36 -15.82 -9.70
CA ASN D 215 -23.19 -16.98 -9.99
C ASN D 215 -22.40 -18.27 -9.74
N GLY D 216 -21.71 -18.31 -8.60
CA GLY D 216 -20.72 -19.34 -8.28
C GLY D 216 -21.24 -20.75 -8.01
N THR D 217 -22.44 -20.85 -7.44
CA THR D 217 -23.02 -22.15 -7.12
C THR D 217 -23.46 -22.91 -8.38
N SER D 218 -23.68 -22.18 -9.47
CA SER D 218 -24.02 -22.81 -10.75
C SER D 218 -22.80 -23.31 -11.57
N TYR D 219 -21.70 -23.59 -10.88
CA TYR D 219 -20.53 -24.27 -11.46
C TYR D 219 -20.17 -25.47 -10.60
N THR D 220 -19.50 -26.45 -11.20
CA THR D 220 -18.94 -27.58 -10.45
C THR D 220 -17.77 -27.10 -9.57
N ALA D 221 -17.41 -27.89 -8.57
CA ALA D 221 -16.24 -27.58 -7.74
C ALA D 221 -14.93 -27.65 -8.54
N GLU D 222 -14.92 -28.47 -9.60
CA GLU D 222 -13.81 -28.58 -10.55
C GLU D 222 -13.62 -27.28 -11.31
N GLN D 223 -14.70 -26.79 -11.92
CA GLN D 223 -14.66 -25.56 -12.72
C GLN D 223 -14.26 -24.37 -11.85
N ARG D 224 -14.82 -24.29 -10.65
CA ARG D 224 -14.53 -23.17 -9.76
C ARG D 224 -13.05 -23.13 -9.42
N GLN D 225 -12.44 -24.31 -9.35
CA GLN D 225 -11.00 -24.41 -9.14
C GLN D 225 -10.26 -23.95 -10.37
N GLN D 226 -10.69 -24.43 -11.54
CA GLN D 226 -10.08 -24.11 -12.82
C GLN D 226 -10.12 -22.59 -13.09
N MET D 227 -11.23 -21.96 -12.72
CA MET D 227 -11.41 -20.50 -12.91
C MET D 227 -10.53 -19.72 -11.95
N ALA D 228 -10.18 -20.35 -10.84
CA ALA D 228 -9.30 -19.77 -9.84
C ALA D 228 -7.86 -19.82 -10.32
N ALA D 229 -7.54 -20.86 -11.11
CA ALA D 229 -6.22 -21.02 -11.68
C ALA D 229 -5.85 -19.89 -12.63
N HIS D 230 -6.84 -19.43 -13.40
CA HIS D 230 -6.65 -18.36 -14.38
C HIS D 230 -6.61 -16.96 -13.77
N ALA D 231 -6.79 -16.88 -12.45
CA ALA D 231 -6.54 -15.65 -11.69
C ALA D 231 -5.07 -15.26 -11.78
N SER D 232 -4.19 -16.25 -11.62
CA SER D 232 -2.76 -16.04 -11.79
C SER D 232 -2.38 -15.95 -13.27
N PRO D 233 -1.49 -15.00 -13.63
CA PRO D 233 -1.01 -14.96 -15.01
C PRO D 233 -0.26 -16.24 -15.46
N LEU D 234 0.04 -17.12 -14.51
CA LEU D 234 0.69 -18.41 -14.78
C LEU D 234 -0.30 -19.56 -15.05
N HIS D 235 -1.60 -19.26 -14.97
CA HIS D 235 -2.68 -20.21 -15.26
C HIS D 235 -2.53 -21.57 -14.56
N ARG D 236 -2.20 -21.53 -13.28
CA ARG D 236 -2.33 -22.68 -12.39
C ARG D 236 -2.82 -22.19 -11.04
N ASN D 237 -3.34 -23.12 -10.23
CA ASN D 237 -3.78 -22.78 -8.88
C ASN D 237 -2.60 -22.53 -7.95
N GLY D 238 -2.87 -21.88 -6.82
CA GLY D 238 -1.93 -21.86 -5.71
C GLY D 238 -2.07 -23.19 -4.97
N TRP D 239 -0.94 -23.72 -4.50
CA TRP D 239 -0.94 -24.99 -3.76
C TRP D 239 -0.32 -24.78 -2.39
N PRO D 240 -0.61 -25.67 -1.42
CA PRO D 240 0.02 -25.51 -0.11
C PRO D 240 1.54 -25.44 -0.21
N GLN D 241 2.15 -26.35 -0.98
CA GLN D 241 3.61 -26.34 -1.19
C GLN D 241 4.16 -24.94 -1.53
N ASP D 242 3.32 -24.12 -2.18
CA ASP D 242 3.74 -22.79 -2.65
C ASP D 242 3.99 -21.88 -1.48
N VAL D 243 3.11 -21.95 -0.47
CA VAL D 243 3.23 -21.12 0.75
C VAL D 243 4.42 -21.60 1.60
N ALA D 244 4.48 -22.92 1.76
CA ALA D 244 5.58 -23.58 2.46
C ALA D 244 6.94 -23.19 1.87
N ASN D 245 7.01 -23.07 0.55
CA ASN D 245 8.26 -22.68 -0.12
C ASN D 245 8.75 -21.29 0.28
N VAL D 246 7.84 -20.35 0.40
CA VAL D 246 8.20 -19.00 0.82
C VAL D 246 8.45 -18.94 2.34
N VAL D 247 7.60 -19.61 3.11
CA VAL D 247 7.75 -19.65 4.56
C VAL D 247 9.11 -20.26 4.94
N GLY D 248 9.44 -21.43 4.39
CA GLY D 248 10.75 -22.02 4.60
C GLY D 248 11.88 -21.04 4.31
N PHE D 249 11.73 -20.22 3.28
CA PHE D 249 12.72 -19.19 3.00
C PHE D 249 12.76 -18.09 4.06
N LEU D 250 11.58 -17.63 4.45
CA LEU D 250 11.46 -16.53 5.40
C LEU D 250 12.11 -16.88 6.72
N VAL D 251 11.98 -18.13 7.15
CA VAL D 251 12.53 -18.58 8.41
C VAL D 251 13.97 -19.10 8.33
N SER D 252 14.57 -19.04 7.15
CA SER D 252 15.97 -19.43 6.98
C SER D 252 16.90 -18.26 7.30
N LYS D 253 18.20 -18.49 7.13
CA LYS D 253 19.19 -17.44 7.32
C LYS D 253 19.08 -16.41 6.22
N GLU D 254 18.93 -16.91 5.01
CA GLU D 254 18.94 -16.10 3.80
C GLU D 254 17.77 -15.11 3.76
N GLY D 255 16.69 -15.40 4.49
CA GLY D 255 15.50 -14.54 4.55
C GLY D 255 15.50 -13.50 5.65
N GLU D 256 16.66 -13.26 6.27
CA GLU D 256 16.78 -12.38 7.43
C GLU D 256 16.42 -10.93 7.11
N TRP D 257 16.70 -10.49 5.89
CA TRP D 257 16.53 -9.09 5.62
C TRP D 257 15.10 -8.74 5.22
N VAL D 258 14.26 -9.78 5.12
CA VAL D 258 12.82 -9.58 4.97
C VAL D 258 12.20 -9.67 6.37
N ASN D 259 11.89 -8.51 6.93
CA ASN D 259 11.44 -8.40 8.31
C ASN D 259 10.35 -7.35 8.38
N GLY D 260 9.28 -7.63 9.13
CA GLY D 260 8.14 -6.73 9.30
C GLY D 260 7.29 -6.55 8.05
N LYS D 261 7.26 -7.58 7.21
CA LYS D 261 6.64 -7.45 5.89
C LYS D 261 5.54 -8.49 5.68
N VAL D 262 4.55 -8.11 4.87
CA VAL D 262 3.53 -9.03 4.40
C VAL D 262 3.84 -9.37 2.94
N LEU D 263 4.10 -10.64 2.64
CA LEU D 263 4.28 -11.08 1.24
C LEU D 263 2.98 -11.71 0.72
N THR D 264 2.36 -11.04 -0.24
CA THR D 264 1.22 -11.64 -0.90
C THR D 264 1.70 -12.75 -1.85
N LEU D 265 1.14 -13.95 -1.65
CA LEU D 265 1.49 -15.14 -2.44
C LEU D 265 0.33 -15.66 -3.32
N ASP D 266 0.19 -15.08 -4.51
CA ASP D 266 -0.98 -15.39 -5.33
C ASP D 266 -0.65 -15.69 -6.80
N GLY D 267 0.62 -15.98 -7.08
CA GLY D 267 1.06 -16.23 -8.45
C GLY D 267 1.01 -15.00 -9.32
N GLY D 268 0.76 -13.85 -8.70
CA GLY D 268 0.78 -12.58 -9.41
C GLY D 268 -0.59 -12.14 -9.87
N ALA D 269 -1.63 -12.66 -9.23
CA ALA D 269 -3.01 -12.35 -9.61
C ALA D 269 -3.32 -10.90 -9.31
N ALA D 270 -2.78 -10.42 -8.18
CA ALA D 270 -2.95 -9.03 -7.73
C ALA D 270 -2.54 -8.04 -8.81
#